data_4I3L
#
_entry.id   4I3L
#
_cell.length_a   80.853
_cell.length_b   80.853
_cell.length_c   304.836
_cell.angle_alpha   90.00
_cell.angle_beta   90.00
_cell.angle_gamma   90.00
#
_symmetry.space_group_name_H-M   'P 43 21 2'
#
loop_
_entity.id
_entity.type
_entity.pdbx_description
1 polymer 'Isocitrate dehydrogenase [NADP] cytoplasmic'
2 non-polymer 'NADPH DIHYDRO-NICOTINAMIDE-ADENINE-DINUCLEOTIDE PHOSPHATE'
3 non-polymer 'SULFATE ION'
4 non-polymer 6-benzyl-1-hydroxy-4-methylpyridin-2(1H)-one
#
_entity_poly.entity_id   1
_entity_poly.type   'polypeptide(L)'
_entity_poly.pdbx_seq_one_letter_code
;MSKKISGGSVVEMQGDEMTRIIWELIKEKLIFPYVELDLHSYDLGIENRDATNDQVTKDAAEAIKKHNVGVKCATITPDE
KRVEEFKLKQMWKSPNGTIRNILGGTVFREAIICKNIPRLVSGWVKPIIIGHHAYGDQYRATDFVVPGPGKVEITYTPSD
GTQKVTYLVHNFEEGGGVAMGMYNQDKSIEDFAHSSFQMALSKGWPLYLSTKNTILKKYDGRFKDIFQEIYDKQYKSQFE
AQKIWYEHRLIDDMVAQAMKSEGGFIWACKNYDGDVQSDSVAQGYGSLGMMTSVLVCPDGKTVEAEAAHGTVTRHYRMYQ
KGQETSTNPIASIFAWTRGLAHRAKLDNNKELAFFANALEEVSIETIEAGFMTKDLAACIKGLPNVQRSDYLNTFEFMDK
LGENLKIKLAQAKL
;
_entity_poly.pdbx_strand_id   A,B
#
loop_
_chem_comp.id
_chem_comp.type
_chem_comp.name
_chem_comp.formula
1BZ non-polymer 6-benzyl-1-hydroxy-4-methylpyridin-2(1H)-one 'C13 H13 N O2'
NDP non-polymer 'NADPH DIHYDRO-NICOTINAMIDE-ADENINE-DINUCLEOTIDE PHOSPHATE' 'C21 H30 N7 O17 P3'
SO4 non-polymer 'SULFATE ION' 'O4 S -2'
#
# COMPACT_ATOMS: atom_id res chain seq x y z
N LYS A 4 7.71 25.08 -37.05
CA LYS A 4 8.04 23.81 -36.30
C LYS A 4 9.09 24.03 -35.22
N ILE A 5 8.66 23.97 -33.96
CA ILE A 5 9.51 24.14 -32.79
C ILE A 5 10.73 23.23 -32.87
N SER A 6 11.92 23.79 -32.70
CA SER A 6 13.08 22.91 -32.54
C SER A 6 13.18 22.52 -31.07
N GLY A 7 13.25 21.21 -30.82
CA GLY A 7 13.34 20.67 -29.47
C GLY A 7 14.76 20.41 -29.01
N GLY A 8 15.60 19.91 -29.91
CA GLY A 8 16.99 19.68 -29.55
C GLY A 8 17.28 18.22 -29.30
N SER A 9 18.29 17.97 -28.46
CA SER A 9 18.80 16.62 -28.21
C SER A 9 17.80 15.77 -27.39
N VAL A 10 17.33 14.66 -27.99
CA VAL A 10 16.38 13.75 -27.34
C VAL A 10 16.73 12.29 -27.61
N VAL A 11 16.97 11.52 -26.54
CA VAL A 11 17.15 10.09 -26.72
C VAL A 11 15.80 9.40 -26.75
N GLU A 12 15.61 8.54 -27.74
CA GLU A 12 14.35 7.86 -27.87
C GLU A 12 14.61 6.38 -28.06
N MET A 13 13.75 5.54 -27.48
CA MET A 13 13.92 4.10 -27.54
C MET A 13 12.59 3.46 -27.93
N GLN A 14 12.56 2.85 -29.11
CA GLN A 14 11.36 2.17 -29.57
C GLN A 14 11.33 0.80 -28.89
N GLY A 15 10.12 0.28 -28.68
CA GLY A 15 9.94 -0.92 -27.88
C GLY A 15 9.29 -2.08 -28.58
N ASP A 16 8.34 -2.72 -27.90
CA ASP A 16 7.71 -3.94 -28.38
C ASP A 16 6.16 -3.96 -28.48
N GLU A 17 5.68 -4.86 -29.35
CA GLU A 17 4.28 -5.26 -29.46
C GLU A 17 3.29 -4.11 -29.58
N MET A 18 2.33 -3.99 -28.67
CA MET A 18 1.26 -2.99 -28.83
C MET A 18 1.77 -1.58 -28.65
N THR A 19 2.62 -1.41 -27.64
CA THR A 19 3.20 -0.12 -27.32
C THR A 19 4.08 0.40 -28.44
N ARG A 20 4.74 -0.51 -29.16
CA ARG A 20 5.49 -0.14 -30.35
C ARG A 20 4.58 0.56 -31.35
N ILE A 21 3.43 -0.03 -31.62
CA ILE A 21 2.48 0.55 -32.53
C ILE A 21 2.08 1.96 -32.05
N ILE A 22 1.65 2.07 -30.81
CA ILE A 22 1.17 3.35 -30.32
C ILE A 22 2.27 4.41 -30.39
N TRP A 23 3.47 4.05 -29.93
CA TRP A 23 4.63 4.91 -30.05
C TRP A 23 4.75 5.53 -31.43
N GLU A 24 4.67 4.72 -32.48
CA GLU A 24 4.83 5.21 -33.87
C GLU A 24 3.78 6.23 -34.31
N LEU A 25 2.55 5.94 -33.93
CA LEU A 25 1.43 6.85 -34.11
C LEU A 25 1.64 8.15 -33.37
N ILE A 26 2.07 8.04 -32.11
CA ILE A 26 2.32 9.19 -31.26
C ILE A 26 3.29 10.13 -31.95
N LYS A 27 4.32 9.57 -32.56
CA LYS A 27 5.25 10.41 -33.29
C LYS A 27 4.60 10.93 -34.58
N GLU A 28 4.08 10.00 -35.40
CA GLU A 28 3.45 10.35 -36.69
C GLU A 28 2.41 11.50 -36.57
N LYS A 29 1.51 11.40 -35.61
CA LYS A 29 0.37 12.30 -35.57
C LYS A 29 0.49 13.48 -34.60
N LEU A 30 1.24 13.33 -33.51
CA LEU A 30 1.23 14.34 -32.46
C LEU A 30 2.55 15.06 -32.15
N ILE A 31 3.68 14.41 -32.45
CA ILE A 31 4.96 15.03 -32.13
C ILE A 31 5.58 15.64 -33.39
N PHE A 32 5.90 14.79 -34.36
CA PHE A 32 6.63 15.21 -35.56
C PHE A 32 5.98 16.38 -36.33
N PRO A 33 4.65 16.39 -36.46
CA PRO A 33 4.01 17.53 -37.12
C PRO A 33 4.29 18.89 -36.49
N TYR A 34 4.78 18.94 -35.26
CA TYR A 34 4.94 20.24 -34.59
C TYR A 34 6.35 20.51 -34.09
N VAL A 35 7.12 19.45 -33.91
CA VAL A 35 8.45 19.56 -33.32
C VAL A 35 9.55 18.93 -34.18
N GLU A 36 10.65 19.66 -34.27
CA GLU A 36 11.86 19.24 -34.93
C GLU A 36 12.81 18.86 -33.83
N LEU A 37 13.44 17.69 -33.99
CA LEU A 37 14.30 17.14 -32.94
C LEU A 37 15.59 16.55 -33.47
N ASP A 38 16.68 16.78 -32.74
CA ASP A 38 17.90 16.02 -33.00
C ASP A 38 17.81 14.64 -32.32
N LEU A 39 17.23 13.69 -33.05
CA LEU A 39 16.76 12.48 -32.45
C LEU A 39 17.82 11.40 -32.33
N HIS A 40 18.11 11.00 -31.10
CA HIS A 40 18.97 9.85 -30.88
C HIS A 40 18.12 8.62 -30.64
N SER A 41 17.61 8.03 -31.74
CA SER A 41 16.87 6.76 -31.71
C SER A 41 17.75 5.52 -31.45
N TYR A 42 17.15 4.50 -30.86
CA TYR A 42 17.78 3.22 -30.59
C TYR A 42 16.60 2.32 -30.58
N ASP A 43 16.71 1.17 -31.25
CA ASP A 43 15.60 0.26 -31.31
C ASP A 43 15.78 -0.81 -30.25
N LEU A 44 14.96 -0.75 -29.20
CA LEU A 44 15.03 -1.72 -28.12
C LEU A 44 14.01 -2.85 -28.24
N GLY A 45 13.46 -3.00 -29.44
CA GLY A 45 12.66 -4.17 -29.77
C GLY A 45 13.41 -5.41 -29.36
N ILE A 46 12.68 -6.42 -28.93
CA ILE A 46 13.32 -7.69 -28.58
C ILE A 46 14.26 -8.18 -29.68
N GLU A 47 13.86 -8.03 -30.94
CA GLU A 47 14.65 -8.55 -32.06
C GLU A 47 16.03 -7.91 -32.06
N ASN A 48 16.06 -6.60 -32.28
CA ASN A 48 17.30 -5.84 -32.37
C ASN A 48 18.20 -5.95 -31.12
N ARG A 49 17.57 -6.05 -29.96
CA ARG A 49 18.31 -6.25 -28.74
C ARG A 49 19.04 -7.57 -28.77
N ASP A 50 18.39 -8.58 -29.33
CA ASP A 50 18.99 -9.89 -29.37
C ASP A 50 20.09 -9.90 -30.39
N ALA A 51 19.72 -9.48 -31.60
CA ALA A 51 20.63 -9.50 -32.73
C ALA A 51 21.91 -8.72 -32.44
N THR A 52 21.87 -7.83 -31.45
CA THR A 52 23.07 -7.10 -31.07
C THR A 52 23.63 -7.49 -29.71
N ASN A 53 23.26 -8.66 -29.19
CA ASN A 53 23.70 -9.04 -27.84
C ASN A 53 23.50 -7.93 -26.81
N ASP A 54 22.33 -7.31 -26.87
CA ASP A 54 21.85 -6.30 -25.90
C ASP A 54 22.81 -5.13 -25.79
N GLN A 55 23.53 -4.91 -26.87
CA GLN A 55 24.47 -3.82 -27.00
C GLN A 55 23.71 -2.50 -27.10
N VAL A 56 22.68 -2.49 -27.95
CA VAL A 56 21.84 -1.31 -28.19
C VAL A 56 21.34 -0.75 -26.86
N THR A 57 20.83 -1.62 -25.99
CA THR A 57 20.40 -1.14 -24.71
C THR A 57 21.52 -0.36 -24.04
N LYS A 58 22.73 -0.93 -24.05
CA LYS A 58 23.85 -0.32 -23.33
C LYS A 58 24.18 1.04 -23.92
N ASP A 59 24.15 1.11 -25.26
CA ASP A 59 24.35 2.35 -25.98
C ASP A 59 23.30 3.41 -25.66
N ALA A 60 22.03 2.99 -25.68
CA ALA A 60 20.91 3.85 -25.38
C ALA A 60 21.11 4.49 -24.01
N ALA A 61 21.58 3.67 -23.06
CA ALA A 61 21.90 4.13 -21.74
C ALA A 61 22.89 5.28 -21.83
N GLU A 62 24.09 4.97 -22.31
CA GLU A 62 25.22 5.92 -22.35
C GLU A 62 24.83 7.22 -23.06
N ALA A 63 23.87 7.11 -23.97
CA ALA A 63 23.36 8.28 -24.70
C ALA A 63 22.42 9.16 -23.88
N ILE A 64 21.63 8.57 -22.99
CA ILE A 64 20.79 9.38 -22.10
C ILE A 64 21.69 10.08 -21.11
N LYS A 65 22.65 9.33 -20.56
CA LYS A 65 23.68 9.90 -19.71
C LYS A 65 24.21 11.15 -20.37
N LYS A 66 24.57 11.03 -21.64
CA LYS A 66 25.09 12.15 -22.40
C LYS A 66 24.13 13.35 -22.60
N HIS A 67 22.99 13.11 -23.25
CA HIS A 67 22.14 14.23 -23.68
C HIS A 67 21.07 14.60 -22.70
N ASN A 68 20.94 13.78 -21.66
CA ASN A 68 20.12 14.10 -20.48
C ASN A 68 18.63 13.80 -20.53
N VAL A 69 18.10 13.51 -21.71
CA VAL A 69 16.66 13.29 -21.84
C VAL A 69 16.33 12.01 -22.61
N GLY A 70 15.83 11.01 -21.91
CA GLY A 70 15.43 9.78 -22.58
C GLY A 70 13.93 9.55 -22.52
N VAL A 71 13.34 9.09 -23.62
CA VAL A 71 11.94 8.68 -23.59
C VAL A 71 11.88 7.25 -24.07
N LYS A 72 11.35 6.36 -23.24
CA LYS A 72 11.39 4.93 -23.53
C LYS A 72 10.01 4.45 -23.83
N CYS A 73 9.90 3.71 -24.93
CA CYS A 73 8.72 2.92 -25.22
C CYS A 73 8.84 1.58 -24.49
N ALA A 74 7.72 1.04 -24.01
CA ALA A 74 7.75 -0.18 -23.19
C ALA A 74 8.36 -1.36 -23.95
N THR A 75 9.18 -2.14 -23.27
CA THR A 75 9.87 -3.25 -23.91
C THR A 75 9.73 -4.59 -23.17
N ILE A 76 9.58 -5.65 -23.96
CA ILE A 76 9.56 -7.02 -23.48
C ILE A 76 10.77 -7.40 -22.62
N THR A 77 10.51 -7.81 -21.39
CA THR A 77 11.53 -8.51 -20.60
C THR A 77 11.33 -10.02 -20.80
N PRO A 78 12.39 -10.73 -21.23
CA PRO A 78 12.15 -12.12 -21.56
C PRO A 78 12.15 -13.02 -20.33
N ASP A 79 11.33 -14.06 -20.39
CA ASP A 79 11.41 -15.18 -19.45
C ASP A 79 11.53 -16.42 -20.28
N GLU A 80 11.86 -17.53 -19.62
CA GLU A 80 12.01 -18.81 -20.28
C GLU A 80 11.00 -19.00 -21.41
N LYS A 81 9.76 -18.52 -21.21
CA LYS A 81 8.66 -18.64 -22.21
C LYS A 81 8.87 -17.78 -23.45
N ARG A 82 9.26 -16.52 -23.22
CA ARG A 82 9.50 -15.53 -24.28
C ARG A 82 10.62 -15.97 -25.19
N VAL A 83 11.67 -16.51 -24.57
CA VAL A 83 12.86 -17.02 -25.24
C VAL A 83 12.50 -18.08 -26.28
N GLU A 84 11.65 -19.02 -25.88
CA GLU A 84 11.11 -20.05 -26.76
C GLU A 84 10.51 -19.44 -28.05
N GLU A 85 9.59 -18.50 -27.84
CA GLU A 85 8.85 -17.82 -28.90
C GLU A 85 9.73 -17.11 -29.93
N PHE A 86 10.79 -16.46 -29.46
CA PHE A 86 11.62 -15.58 -30.30
C PHE A 86 12.90 -16.22 -30.73
N LYS A 87 13.19 -17.37 -30.14
CA LYS A 87 14.44 -18.11 -30.33
C LYS A 87 15.64 -17.27 -29.89
N LEU A 88 15.45 -16.47 -28.83
CA LEU A 88 16.52 -15.63 -28.27
C LEU A 88 17.72 -16.46 -27.88
N LYS A 89 18.90 -15.90 -28.05
CA LYS A 89 20.12 -16.64 -27.73
C LYS A 89 20.52 -16.51 -26.26
N GLN A 90 19.69 -15.82 -25.48
CA GLN A 90 19.89 -15.73 -24.04
C GLN A 90 18.59 -15.18 -23.45
N MET A 91 18.45 -15.29 -22.14
CA MET A 91 17.33 -14.67 -21.46
C MET A 91 17.92 -13.34 -20.97
N TRP A 92 17.69 -12.29 -21.74
CA TRP A 92 18.35 -11.03 -21.50
C TRP A 92 17.74 -10.32 -20.34
N LYS A 93 18.56 -9.62 -19.57
CA LYS A 93 18.05 -8.77 -18.49
C LYS A 93 17.18 -7.63 -19.04
N SER A 94 16.26 -7.16 -18.22
CA SER A 94 15.43 -6.04 -18.61
C SER A 94 16.31 -4.89 -19.02
N PRO A 95 15.88 -4.17 -20.06
CA PRO A 95 16.45 -2.92 -20.50
C PRO A 95 16.49 -1.90 -19.37
N ASN A 96 15.36 -1.68 -18.72
CA ASN A 96 15.27 -0.71 -17.63
C ASN A 96 16.23 -1.04 -16.49
N GLY A 97 16.46 -2.34 -16.28
CA GLY A 97 17.38 -2.84 -15.27
C GLY A 97 18.77 -2.37 -15.59
N THR A 98 19.18 -2.59 -16.83
CA THR A 98 20.51 -2.16 -17.34
C THR A 98 20.60 -0.64 -17.44
N ILE A 99 19.57 -0.03 -18.00
CA ILE A 99 19.42 1.41 -18.03
C ILE A 99 19.50 1.99 -16.62
N ARG A 100 18.77 1.40 -15.68
CA ARG A 100 18.71 1.92 -14.33
C ARG A 100 20.12 1.98 -13.73
N ASN A 101 20.87 0.90 -13.89
CA ASN A 101 22.18 0.77 -13.27
C ASN A 101 23.23 1.74 -13.79
N ILE A 102 23.16 2.09 -15.07
CA ILE A 102 24.13 3.00 -15.70
C ILE A 102 23.87 4.45 -15.32
N LEU A 103 22.61 4.80 -15.17
CA LEU A 103 22.22 6.16 -14.84
C LEU A 103 22.01 6.42 -13.34
N GLY A 104 21.70 5.36 -12.58
CA GLY A 104 21.38 5.51 -11.16
C GLY A 104 20.03 6.19 -11.04
N GLY A 105 19.76 6.77 -9.87
CA GLY A 105 18.55 7.58 -9.64
C GLY A 105 17.29 6.87 -9.15
N THR A 106 16.25 7.65 -8.86
CA THR A 106 14.97 7.13 -8.36
C THR A 106 13.79 7.34 -9.33
N VAL A 107 12.96 6.31 -9.43
CA VAL A 107 11.80 6.31 -10.34
C VAL A 107 10.62 7.00 -9.68
N PHE A 108 9.71 7.55 -10.48
CA PHE A 108 8.57 8.27 -9.91
C PHE A 108 7.29 8.06 -10.70
N ARG A 109 6.32 7.36 -10.11
CA ARG A 109 5.02 7.13 -10.74
C ARG A 109 4.02 8.24 -10.48
N GLU A 110 3.21 8.55 -11.48
CA GLU A 110 2.20 9.58 -11.36
C GLU A 110 0.89 9.16 -12.02
N ALA A 111 -0.12 8.87 -11.19
CA ALA A 111 -1.49 8.73 -11.67
C ALA A 111 -1.95 10.02 -12.40
N ILE A 112 -2.76 9.85 -13.44
CA ILE A 112 -3.18 10.98 -14.31
C ILE A 112 -4.68 11.37 -14.10
N ILE A 113 -4.93 12.51 -13.45
CA ILE A 113 -6.29 12.89 -12.99
C ILE A 113 -7.19 13.53 -14.05
N CYS A 114 -8.28 12.83 -14.37
CA CYS A 114 -9.40 13.44 -15.11
C CYS A 114 -10.60 13.58 -14.17
N LYS A 115 -11.24 14.75 -14.18
CA LYS A 115 -12.41 15.00 -13.33
C LYS A 115 -13.47 13.91 -13.49
N ASN A 116 -13.32 13.10 -14.54
CA ASN A 116 -14.09 11.87 -14.74
C ASN A 116 -13.14 10.68 -14.97
N PRO A 127 -3.50 15.59 -7.44
CA PRO A 127 -2.52 14.62 -7.98
C PRO A 127 -1.44 14.22 -6.95
N ILE A 128 -0.98 12.96 -7.05
CA ILE A 128 0.00 12.39 -6.11
C ILE A 128 1.12 11.62 -6.84
N ILE A 129 2.36 12.04 -6.62
CA ILE A 129 3.54 11.40 -7.20
C ILE A 129 4.23 10.56 -6.13
N ILE A 130 4.62 9.34 -6.47
CA ILE A 130 5.12 8.36 -5.50
C ILE A 130 6.48 7.76 -5.87
N GLY A 131 7.47 7.92 -5.00
CA GLY A 131 8.78 7.35 -5.28
C GLY A 131 9.31 6.39 -4.24
N HIS A 132 9.37 5.11 -4.59
CA HIS A 132 9.98 4.11 -3.72
C HIS A 132 11.49 4.25 -3.70
N HIS A 133 12.24 3.15 -3.70
CA HIS A 133 13.69 3.31 -3.56
C HIS A 133 14.52 2.67 -4.66
N ALA A 141 19.79 -7.87 -0.30
CA ALA A 141 18.82 -8.87 0.18
C ALA A 141 19.49 -10.25 0.31
N THR A 142 19.60 -10.78 1.54
CA THR A 142 20.41 -11.99 1.80
C THR A 142 19.70 -13.07 2.63
N ASP A 143 18.63 -13.64 2.08
CA ASP A 143 17.81 -14.64 2.80
C ASP A 143 18.43 -16.02 2.86
N PHE A 144 18.12 -16.72 3.94
CA PHE A 144 18.63 -18.07 4.16
C PHE A 144 17.84 -18.79 5.25
N VAL A 145 17.79 -20.11 5.16
CA VAL A 145 16.88 -20.91 5.98
C VAL A 145 17.61 -21.41 7.22
N VAL A 146 17.03 -21.16 8.40
CA VAL A 146 17.53 -21.72 9.67
C VAL A 146 16.96 -23.13 9.88
N PRO A 147 17.82 -24.14 9.88
CA PRO A 147 17.37 -25.53 9.82
C PRO A 147 16.81 -25.95 11.16
N GLY A 148 17.64 -25.88 12.18
CA GLY A 148 17.22 -26.14 13.55
C GLY A 148 17.87 -25.11 14.43
N PRO A 149 17.89 -25.37 15.75
CA PRO A 149 18.39 -24.49 16.82
C PRO A 149 19.83 -24.05 16.66
N GLY A 150 20.19 -23.00 17.38
CA GLY A 150 21.51 -22.38 17.29
C GLY A 150 21.37 -20.88 17.30
N LYS A 151 22.40 -20.17 16.86
CA LYS A 151 22.41 -18.73 16.99
C LYS A 151 22.54 -17.99 15.65
N VAL A 152 21.77 -16.91 15.48
CA VAL A 152 21.88 -16.06 14.30
C VAL A 152 22.39 -14.67 14.69
N GLU A 153 23.50 -14.26 14.06
CA GLU A 153 24.15 -13.00 14.37
C GLU A 153 24.52 -12.22 13.12
N ILE A 154 24.80 -10.95 13.31
CA ILE A 154 25.31 -10.14 12.22
C ILE A 154 26.58 -9.41 12.73
N THR A 155 27.60 -9.35 11.88
CA THR A 155 28.85 -8.67 12.25
C THR A 155 29.16 -7.49 11.33
N TYR A 156 30.02 -6.61 11.82
CA TYR A 156 30.58 -5.56 11.01
C TYR A 156 32.04 -5.51 11.42
N THR A 157 32.92 -5.93 10.51
CA THR A 157 34.35 -5.75 10.74
C THR A 157 34.69 -4.49 10.02
N PRO A 158 35.29 -3.52 10.73
CA PRO A 158 35.55 -2.28 10.02
C PRO A 158 36.83 -2.43 9.19
N SER A 159 36.83 -1.89 7.97
CA SER A 159 37.97 -2.03 7.05
C SER A 159 39.25 -1.33 7.55
N ASP A 160 39.14 -0.60 8.67
CA ASP A 160 40.27 0.09 9.26
C ASP A 160 40.79 -0.57 10.54
N GLY A 161 40.60 -1.89 10.62
CA GLY A 161 41.24 -2.72 11.65
C GLY A 161 40.75 -2.54 13.08
N THR A 162 39.80 -1.63 13.27
CA THR A 162 39.16 -1.38 14.58
C THR A 162 38.48 -2.67 15.10
N GLN A 163 37.82 -2.60 16.25
CA GLN A 163 37.27 -3.81 16.85
C GLN A 163 36.02 -4.29 16.11
N LYS A 164 36.00 -5.59 15.79
CA LYS A 164 34.84 -6.25 15.16
C LYS A 164 33.62 -6.18 16.09
N VAL A 165 32.47 -5.86 15.50
CA VAL A 165 31.23 -5.60 16.25
C VAL A 165 30.19 -6.67 15.91
N THR A 166 29.57 -7.25 16.94
CA THR A 166 28.60 -8.34 16.77
C THR A 166 27.24 -7.98 17.38
N TYR A 167 26.17 -8.18 16.63
CA TYR A 167 24.81 -8.01 17.12
C TYR A 167 24.11 -9.36 17.15
N LEU A 168 23.31 -9.62 18.19
CA LEU A 168 22.49 -10.84 18.17
C LEU A 168 21.21 -10.59 17.42
N VAL A 169 21.02 -11.31 16.32
CA VAL A 169 19.77 -11.25 15.60
C VAL A 169 18.74 -12.06 16.36
N HIS A 170 19.09 -13.30 16.69
CA HIS A 170 18.29 -14.08 17.62
C HIS A 170 18.83 -15.45 17.88
N ASN A 171 18.57 -15.97 19.07
CA ASN A 171 18.87 -17.35 19.39
C ASN A 171 17.67 -18.28 19.19
N PHE A 172 17.73 -19.16 18.20
CA PHE A 172 16.71 -20.18 18.02
C PHE A 172 16.94 -21.38 18.95
N GLU A 173 16.12 -21.48 19.99
CA GLU A 173 16.29 -22.54 20.97
C GLU A 173 15.40 -23.75 20.77
N GLU A 174 14.21 -23.54 20.17
CA GLU A 174 13.33 -24.64 19.79
C GLU A 174 13.58 -25.04 18.36
N GLY A 175 12.65 -24.69 17.48
CA GLY A 175 12.76 -25.03 16.07
C GLY A 175 13.72 -24.10 15.38
N GLY A 176 13.64 -24.08 14.07
CA GLY A 176 14.43 -23.16 13.26
C GLY A 176 13.54 -22.04 12.78
N GLY A 177 13.68 -21.73 11.50
CA GLY A 177 12.96 -20.64 10.89
C GLY A 177 13.70 -20.14 9.68
N VAL A 178 14.08 -18.88 9.74
CA VAL A 178 14.65 -18.21 8.59
C VAL A 178 15.24 -16.90 9.10
N ALA A 179 16.10 -16.28 8.32
CA ALA A 179 16.68 -15.00 8.70
C ALA A 179 17.27 -14.34 7.47
N MET A 180 17.68 -13.08 7.60
CA MET A 180 18.17 -12.34 6.45
C MET A 180 18.85 -11.04 6.82
N GLY A 181 19.91 -10.68 6.10
CA GLY A 181 20.49 -9.34 6.21
C GLY A 181 19.87 -8.35 5.24
N MET A 182 20.07 -7.08 5.50
CA MET A 182 19.70 -6.06 4.55
C MET A 182 20.73 -4.97 4.72
N TYR A 183 20.98 -4.22 3.67
CA TYR A 183 21.94 -3.12 3.81
C TYR A 183 21.53 -1.88 3.00
N ASN A 184 22.45 -0.92 2.90
CA ASN A 184 22.25 0.33 2.16
C ASN A 184 23.49 1.19 2.31
N GLN A 185 23.88 1.86 1.23
CA GLN A 185 25.00 2.75 1.35
C GLN A 185 24.45 4.13 1.57
N ASP A 186 25.19 4.91 2.35
CA ASP A 186 24.90 6.34 2.50
C ASP A 186 24.63 6.90 1.11
N LYS A 187 25.59 6.76 0.19
CA LYS A 187 25.52 7.36 -1.15
C LYS A 187 24.16 7.19 -1.81
N SER A 188 23.63 5.97 -1.70
CA SER A 188 22.35 5.64 -2.28
C SER A 188 21.20 6.45 -1.71
N ILE A 189 21.21 6.65 -0.40
CA ILE A 189 20.17 7.43 0.26
C ILE A 189 20.28 8.87 -0.17
N GLU A 190 21.49 9.41 -0.14
CA GLU A 190 21.73 10.76 -0.59
C GLU A 190 21.11 10.98 -1.96
N ASP A 191 21.39 10.04 -2.88
CA ASP A 191 20.83 10.06 -4.21
C ASP A 191 19.32 10.06 -4.18
N PHE A 192 18.76 9.19 -3.33
CA PHE A 192 17.33 9.13 -3.13
C PHE A 192 16.80 10.49 -2.69
N ALA A 193 17.53 11.11 -1.78
CA ALA A 193 17.17 12.42 -1.29
C ALA A 193 17.13 13.43 -2.44
N HIS A 194 18.25 13.54 -3.15
CA HIS A 194 18.40 14.56 -4.16
C HIS A 194 17.32 14.46 -5.19
N SER A 195 17.23 13.29 -5.82
CA SER A 195 16.21 13.04 -6.82
C SER A 195 14.89 13.59 -6.34
N SER A 196 14.50 13.26 -5.11
CA SER A 196 13.21 13.72 -4.57
C SER A 196 13.13 15.24 -4.38
N PHE A 197 14.22 15.84 -3.92
CA PHE A 197 14.26 17.29 -3.76
C PHE A 197 14.25 18.01 -5.10
N GLN A 198 14.95 17.44 -6.08
CA GLN A 198 14.93 17.94 -7.43
C GLN A 198 13.52 17.81 -7.94
N MET A 199 12.94 16.64 -7.70
CA MET A 199 11.62 16.29 -8.19
C MET A 199 10.58 17.27 -7.67
N ALA A 200 10.72 17.65 -6.40
CA ALA A 200 9.79 18.57 -5.73
C ALA A 200 9.81 20.00 -6.30
N LEU A 201 11.01 20.46 -6.67
CA LEU A 201 11.21 21.77 -7.26
C LEU A 201 10.64 21.79 -8.66
N SER A 202 11.06 20.82 -9.45
CA SER A 202 10.57 20.62 -10.80
C SER A 202 9.03 20.72 -10.89
N LYS A 203 8.36 20.12 -9.91
CA LYS A 203 6.91 20.00 -9.93
C LYS A 203 6.17 21.12 -9.25
N GLY A 204 6.87 21.88 -8.39
CA GLY A 204 6.26 22.92 -7.57
C GLY A 204 5.42 22.37 -6.43
N TRP A 205 5.51 21.05 -6.19
CA TRP A 205 4.81 20.42 -5.08
C TRP A 205 5.71 20.24 -3.89
N PRO A 206 5.15 20.33 -2.67
CA PRO A 206 5.85 19.99 -1.41
C PRO A 206 6.07 18.47 -1.28
N LEU A 207 7.06 18.08 -0.49
CA LEU A 207 7.56 16.70 -0.46
C LEU A 207 7.44 16.06 0.91
N TYR A 208 7.05 14.80 0.98
CA TYR A 208 7.03 14.10 2.27
C TYR A 208 7.77 12.78 2.22
N LEU A 209 8.57 12.51 3.24
CA LEU A 209 9.27 11.23 3.37
C LEU A 209 8.56 10.39 4.40
N SER A 210 8.33 9.13 4.10
CA SER A 210 7.74 8.23 5.07
C SER A 210 8.67 7.07 5.46
N THR A 211 8.84 6.87 6.77
CA THR A 211 9.69 5.80 7.30
C THR A 211 8.98 5.00 8.39
N LYS A 212 9.59 3.87 8.79
CA LYS A 212 9.26 3.20 10.05
C LYS A 212 10.36 3.53 11.06
N ASN A 213 10.42 4.82 11.36
CA ASN A 213 11.49 5.46 12.08
C ASN A 213 11.46 5.15 13.59
N THR A 214 10.28 4.83 14.10
CA THR A 214 10.12 4.43 15.51
C THR A 214 10.60 3.00 15.73
N ILE A 215 10.28 2.11 14.80
CA ILE A 215 10.71 0.72 14.92
C ILE A 215 12.18 0.58 14.55
N LEU A 216 12.52 1.01 13.34
CA LEU A 216 13.87 0.87 12.88
C LEU A 216 14.58 2.16 13.19
N LYS A 217 14.76 2.37 14.50
CA LYS A 217 15.29 3.60 15.03
C LYS A 217 16.61 3.93 14.37
N LYS A 218 17.49 2.94 14.29
CA LYS A 218 18.83 3.13 13.74
C LYS A 218 18.86 3.15 12.21
N TYR A 219 18.05 2.28 11.60
CA TYR A 219 17.93 2.14 10.15
C TYR A 219 17.25 3.35 9.54
N ASP A 220 15.93 3.46 9.67
CA ASP A 220 15.21 4.58 9.06
C ASP A 220 15.62 5.92 9.63
N GLY A 221 16.08 5.90 10.86
CA GLY A 221 16.64 7.09 11.49
C GLY A 221 17.74 7.70 10.65
N ARG A 222 18.31 6.90 9.76
CA ARG A 222 19.35 7.35 8.84
C ARG A 222 18.81 8.10 7.63
N PHE A 223 17.77 7.53 7.00
CA PHE A 223 17.04 8.19 5.90
C PHE A 223 16.57 9.59 6.27
N LYS A 224 15.81 9.66 7.37
CA LYS A 224 15.24 10.90 7.93
C LYS A 224 16.27 12.00 8.11
N ASP A 225 17.40 11.64 8.72
CA ASP A 225 18.53 12.52 8.94
C ASP A 225 19.11 13.05 7.64
N ILE A 226 19.37 12.14 6.72
CA ILE A 226 20.01 12.50 5.48
C ILE A 226 19.12 13.46 4.70
N PHE A 227 17.84 13.14 4.62
CA PHE A 227 16.86 14.04 4.04
C PHE A 227 16.91 15.44 4.69
N GLN A 228 16.99 15.45 6.03
CA GLN A 228 17.06 16.72 6.75
C GLN A 228 18.35 17.44 6.46
N GLU A 229 19.47 16.75 6.60
CA GLU A 229 20.77 17.35 6.37
C GLU A 229 20.91 17.94 4.98
N ILE A 230 20.36 17.24 3.99
CA ILE A 230 20.42 17.67 2.60
C ILE A 230 19.44 18.83 2.37
N TYR A 231 18.25 18.72 2.95
CA TYR A 231 17.24 19.76 2.84
C TYR A 231 17.76 21.14 3.26
N ASP A 232 18.39 21.18 4.44
CA ASP A 232 18.84 22.43 5.07
C ASP A 232 20.06 23.04 4.39
N LYS A 233 21.06 22.22 4.08
CA LYS A 233 22.31 22.70 3.48
C LYS A 233 22.17 23.03 2.01
N GLN A 234 21.11 22.48 1.37
CA GLN A 234 20.99 22.58 -0.08
C GLN A 234 19.69 23.15 -0.64
N TYR A 235 18.55 22.88 -0.01
CA TYR A 235 17.25 23.19 -0.66
C TYR A 235 16.25 24.03 0.13
N LYS A 236 16.50 24.26 1.41
CA LYS A 236 15.54 24.98 2.24
C LYS A 236 15.24 26.36 1.61
N SER A 237 16.30 27.07 1.21
CA SER A 237 16.17 28.35 0.50
C SER A 237 15.14 28.30 -0.62
N GLN A 238 15.32 27.35 -1.55
CA GLN A 238 14.57 27.29 -2.82
C GLN A 238 13.11 26.89 -2.67
N PHE A 239 12.82 26.11 -1.63
CA PHE A 239 11.47 25.63 -1.37
C PHE A 239 10.56 26.76 -0.96
N GLU A 240 11.08 27.60 -0.08
CA GLU A 240 10.33 28.74 0.39
C GLU A 240 10.26 29.71 -0.78
N ALA A 241 11.35 29.81 -1.54
CA ALA A 241 11.35 30.54 -2.80
C ALA A 241 10.30 29.96 -3.78
N GLN A 242 9.47 29.05 -3.31
CA GLN A 242 8.31 28.57 -4.08
C GLN A 242 7.07 28.32 -3.23
N LYS A 243 7.13 28.67 -1.94
CA LYS A 243 5.99 28.54 -1.04
C LYS A 243 5.62 27.06 -0.87
N ILE A 244 6.62 26.20 -0.91
CA ILE A 244 6.43 24.79 -0.61
C ILE A 244 7.37 24.35 0.50
N TRP A 245 7.27 23.09 0.90
CA TRP A 245 8.00 22.59 2.07
C TRP A 245 8.22 21.10 2.01
N TYR A 246 9.36 20.65 2.52
CA TYR A 246 9.57 19.22 2.82
C TYR A 246 9.22 19.00 4.27
N GLU A 247 8.81 17.79 4.60
CA GLU A 247 8.53 17.40 5.98
C GLU A 247 8.64 15.87 6.08
N HIS A 248 9.07 15.40 7.25
CA HIS A 248 9.03 13.98 7.53
C HIS A 248 7.73 13.63 8.21
N ARG A 249 7.31 12.37 8.03
CA ARG A 249 6.16 11.78 8.73
C ARG A 249 6.30 10.26 8.82
N LEU A 250 5.64 9.64 9.78
CA LEU A 250 5.60 8.17 9.88
C LEU A 250 4.47 7.61 9.03
N ILE A 251 4.63 6.37 8.59
CA ILE A 251 3.77 5.77 7.55
C ILE A 251 2.24 5.84 7.79
N ASP A 252 1.82 5.89 9.05
CA ASP A 252 0.38 5.95 9.31
C ASP A 252 -0.17 7.36 9.48
N ASP A 253 0.65 8.27 9.96
CA ASP A 253 0.30 9.69 9.96
C ASP A 253 0.17 10.21 8.53
N MET A 254 0.83 9.50 7.61
CA MET A 254 0.76 9.82 6.19
C MET A 254 -0.64 9.56 5.66
N VAL A 255 -1.02 8.29 5.56
CA VAL A 255 -2.35 7.90 5.10
C VAL A 255 -3.45 8.60 5.93
N GLY A 264 -1.86 17.08 -3.75
CA GLY A 264 -1.00 17.87 -4.62
C GLY A 264 0.43 17.92 -4.11
N PHE A 265 1.09 16.76 -4.07
CA PHE A 265 2.38 16.64 -3.39
C PHE A 265 3.22 15.42 -3.83
N ILE A 266 4.48 15.38 -3.39
CA ILE A 266 5.42 14.29 -3.71
C ILE A 266 5.75 13.45 -2.46
N TRP A 267 5.59 12.14 -2.58
CA TRP A 267 5.70 11.21 -1.46
C TRP A 267 6.79 10.19 -1.63
N ALA A 268 7.80 10.29 -0.77
CA ALA A 268 8.92 9.36 -0.80
C ALA A 268 8.70 8.22 0.19
N CYS A 269 8.51 7.04 -0.36
CA CYS A 269 8.20 5.81 0.37
C CYS A 269 9.50 5.04 0.56
N LYS A 270 9.86 4.72 1.80
CA LYS A 270 11.05 3.87 2.00
C LYS A 270 10.60 2.41 1.91
N ASN A 271 10.75 1.82 0.73
CA ASN A 271 10.23 0.46 0.46
C ASN A 271 10.81 -0.15 -0.83
N LEU A 288 -4.10 2.75 -15.40
CA LEU A 288 -2.89 2.02 -15.83
C LEU A 288 -2.31 2.62 -17.12
N GLY A 289 -3.12 2.66 -18.17
CA GLY A 289 -2.83 3.54 -19.29
C GLY A 289 -2.92 4.97 -18.81
N MET A 290 -2.96 5.16 -17.49
CA MET A 290 -2.97 6.48 -16.83
C MET A 290 -1.82 6.66 -15.80
N MET A 291 -0.69 6.01 -16.06
CA MET A 291 0.39 5.92 -15.09
C MET A 291 1.72 6.15 -15.80
N THR A 292 2.50 7.10 -15.28
CA THR A 292 3.74 7.56 -15.90
C THR A 292 4.96 7.46 -14.96
N SER A 293 5.87 6.54 -15.26
CA SER A 293 7.06 6.39 -14.43
C SER A 293 8.19 7.27 -14.95
N VAL A 294 8.96 7.87 -14.04
CA VAL A 294 10.05 8.74 -14.46
C VAL A 294 11.26 8.56 -13.59
N LEU A 295 12.31 8.04 -14.19
CA LEU A 295 13.61 8.00 -13.53
C LEU A 295 14.18 9.40 -13.47
N VAL A 296 14.44 9.88 -12.25
CA VAL A 296 15.12 11.16 -12.05
C VAL A 296 16.44 10.89 -11.38
N CYS A 297 17.51 11.43 -11.97
CA CYS A 297 18.85 11.33 -11.38
C CYS A 297 19.02 12.39 -10.29
N PRO A 298 20.06 12.23 -9.45
CA PRO A 298 20.32 13.17 -8.35
C PRO A 298 20.85 14.53 -8.81
N ASP A 299 21.61 14.52 -9.93
CA ASP A 299 22.14 15.72 -10.57
C ASP A 299 21.00 16.62 -11.06
N GLY A 300 19.80 16.05 -11.12
CA GLY A 300 18.60 16.78 -11.44
C GLY A 300 18.63 17.30 -12.85
N LYS A 301 19.73 17.06 -13.54
CA LYS A 301 19.85 17.42 -14.95
C LYS A 301 19.28 16.29 -15.82
N THR A 302 19.80 15.08 -15.64
CA THR A 302 19.33 13.92 -16.39
C THR A 302 17.99 13.36 -15.87
N VAL A 303 17.16 12.88 -16.79
CA VAL A 303 15.82 12.42 -16.49
C VAL A 303 15.36 11.48 -17.59
N GLU A 304 14.57 10.47 -17.26
CA GLU A 304 14.13 9.55 -18.29
C GLU A 304 12.72 9.11 -17.99
N ALA A 305 11.90 8.98 -19.04
CA ALA A 305 10.45 8.92 -18.86
C ALA A 305 9.82 7.81 -19.66
N GLU A 306 8.91 7.07 -19.02
CA GLU A 306 8.17 6.00 -19.70
C GLU A 306 6.82 5.63 -19.07
N ALA A 307 5.93 5.12 -19.91
CA ALA A 307 4.64 4.61 -19.47
C ALA A 307 4.87 3.46 -18.48
N ALA A 308 4.07 3.43 -17.43
CA ALA A 308 4.24 2.46 -16.34
C ALA A 308 3.82 1.04 -16.72
N HIS A 309 2.76 0.91 -17.53
CA HIS A 309 2.28 -0.39 -17.97
C HIS A 309 3.28 -1.06 -18.86
N GLY A 310 2.93 -2.25 -19.32
CA GLY A 310 3.84 -3.04 -20.14
C GLY A 310 3.66 -2.86 -21.62
N THR A 311 3.95 -3.91 -22.38
CA THR A 311 3.86 -3.86 -23.83
C THR A 311 2.47 -4.23 -24.38
N VAL A 312 1.55 -4.51 -23.45
CA VAL A 312 0.12 -4.82 -23.73
C VAL A 312 -0.01 -5.97 -24.74
N THR A 313 0.55 -7.12 -24.37
CA THR A 313 0.64 -8.29 -25.25
C THR A 313 -0.74 -8.71 -25.75
N ARG A 314 -1.74 -8.65 -24.86
CA ARG A 314 -3.07 -9.15 -25.19
C ARG A 314 -3.66 -8.44 -26.39
N HIS A 315 -3.81 -7.12 -26.26
CA HIS A 315 -4.36 -6.29 -27.32
C HIS A 315 -3.61 -6.54 -28.59
N TYR A 316 -2.33 -6.87 -28.45
CA TYR A 316 -1.44 -6.96 -29.60
C TYR A 316 -1.60 -8.26 -30.37
N ARG A 317 -1.81 -9.36 -29.65
CA ARG A 317 -2.19 -10.61 -30.29
C ARG A 317 -3.50 -10.40 -31.03
N MET A 318 -4.46 -9.75 -30.36
CA MET A 318 -5.73 -9.34 -30.96
C MET A 318 -5.53 -8.45 -32.19
N TYR A 319 -4.39 -7.76 -32.22
CA TYR A 319 -4.06 -6.83 -33.31
C TYR A 319 -3.35 -7.54 -34.44
N GLN A 320 -2.39 -8.40 -34.07
CA GLN A 320 -1.74 -9.22 -35.06
C GLN A 320 -2.84 -9.96 -35.80
N LYS A 321 -3.73 -10.60 -35.03
CA LYS A 321 -4.86 -11.35 -35.58
C LYS A 321 -5.85 -10.51 -36.40
N GLY A 322 -5.72 -9.19 -36.37
CA GLY A 322 -6.49 -8.30 -37.25
C GLY A 322 -7.80 -7.73 -36.70
N GLN A 323 -8.18 -8.16 -35.49
CA GLN A 323 -9.35 -7.61 -34.80
C GLN A 323 -9.03 -6.20 -34.28
N GLU A 324 -10.05 -5.36 -34.14
CA GLU A 324 -9.86 -4.03 -33.54
C GLU A 324 -9.59 -4.13 -32.02
N THR A 325 -8.87 -3.12 -31.51
CA THR A 325 -8.49 -3.02 -30.11
C THR A 325 -8.71 -1.60 -29.68
N SER A 326 -8.48 -1.33 -28.39
CA SER A 326 -8.72 -0.01 -27.81
C SER A 326 -7.72 0.30 -26.70
N THR A 327 -6.43 0.22 -27.05
CA THR A 327 -5.34 0.53 -26.12
C THR A 327 -5.21 2.04 -25.83
N ASN A 328 -4.89 2.34 -24.58
CA ASN A 328 -4.81 3.70 -24.06
C ASN A 328 -3.43 4.33 -24.30
N PRO A 329 -3.37 5.42 -25.09
CA PRO A 329 -2.06 5.99 -25.36
C PRO A 329 -1.54 6.91 -24.28
N ILE A 330 -2.47 7.53 -23.54
CA ILE A 330 -2.21 8.65 -22.62
C ILE A 330 -0.87 8.55 -21.85
N ALA A 331 -0.68 7.41 -21.20
CA ALA A 331 0.52 7.16 -20.43
C ALA A 331 1.78 7.31 -21.28
N SER A 332 1.70 6.82 -22.52
CA SER A 332 2.79 6.89 -23.49
C SER A 332 2.99 8.32 -23.94
N ILE A 333 1.91 8.95 -24.41
CA ILE A 333 1.92 10.38 -24.65
C ILE A 333 2.61 11.14 -23.52
N PHE A 334 2.32 10.75 -22.29
CA PHE A 334 2.84 11.51 -21.14
C PHE A 334 4.33 11.40 -20.92
N ALA A 335 4.89 10.29 -21.37
CA ALA A 335 6.34 10.09 -21.37
C ALA A 335 6.93 11.16 -22.24
N TRP A 336 6.38 11.32 -23.43
CA TRP A 336 6.82 12.39 -24.31
C TRP A 336 6.73 13.72 -23.62
N THR A 337 5.56 14.04 -23.05
CA THR A 337 5.37 15.40 -22.50
C THR A 337 6.18 15.74 -21.24
N ARG A 338 6.72 14.75 -20.54
CA ARG A 338 7.63 15.06 -19.45
C ARG A 338 9.03 15.21 -20.04
N GLY A 339 9.40 14.23 -20.87
CA GLY A 339 10.63 14.25 -21.63
C GLY A 339 10.84 15.60 -22.31
N LEU A 340 9.84 16.04 -23.08
CA LEU A 340 9.92 17.34 -23.72
C LEU A 340 9.95 18.45 -22.71
N ALA A 341 8.96 18.47 -21.81
CA ALA A 341 8.94 19.40 -20.68
C ALA A 341 10.32 19.61 -20.04
N HIS A 342 10.99 18.50 -19.79
CA HIS A 342 12.28 18.56 -19.16
C HIS A 342 13.28 19.21 -20.05
N ARG A 343 13.37 18.77 -21.31
CA ARG A 343 14.32 19.33 -22.25
C ARG A 343 14.10 20.83 -22.32
N ALA A 344 12.82 21.22 -22.44
CA ALA A 344 12.40 22.63 -22.46
C ALA A 344 12.83 23.44 -21.23
N LYS A 345 12.87 22.79 -20.06
CA LYS A 345 13.40 23.43 -18.86
C LYS A 345 14.92 23.58 -18.91
N LEU A 346 15.60 22.51 -19.31
CA LEU A 346 17.05 22.48 -19.44
C LEU A 346 17.60 23.53 -20.44
N ASP A 347 16.83 23.78 -21.49
CA ASP A 347 17.29 24.58 -22.61
C ASP A 347 16.60 25.91 -22.73
N ASN A 348 15.94 26.36 -21.66
CA ASN A 348 15.26 27.65 -21.69
C ASN A 348 14.31 27.86 -22.88
N ASN A 349 13.60 26.80 -23.26
CA ASN A 349 12.81 26.77 -24.49
C ASN A 349 11.31 27.06 -24.28
N LYS A 350 10.96 28.33 -24.14
CA LYS A 350 9.58 28.74 -23.85
C LYS A 350 8.52 28.16 -24.81
N GLU A 351 8.92 27.95 -26.06
CA GLU A 351 7.98 27.56 -27.12
C GLU A 351 7.67 26.06 -27.05
N LEU A 352 8.69 25.28 -26.70
CA LEU A 352 8.54 23.84 -26.60
C LEU A 352 7.85 23.56 -25.28
N ALA A 353 8.32 24.25 -24.24
CA ALA A 353 7.75 24.13 -22.92
C ALA A 353 6.24 24.23 -23.02
N PHE A 354 5.78 25.31 -23.68
CA PHE A 354 4.36 25.47 -23.94
C PHE A 354 3.76 24.30 -24.74
N PHE A 355 4.44 23.83 -25.78
CA PHE A 355 3.91 22.69 -26.55
C PHE A 355 3.52 21.56 -25.62
N ALA A 356 4.46 21.14 -24.78
CA ALA A 356 4.24 20.02 -23.87
C ALA A 356 2.97 20.19 -23.07
N ASN A 357 2.88 21.29 -22.32
CA ASN A 357 1.70 21.57 -21.51
C ASN A 357 0.49 21.50 -22.40
N ALA A 358 0.58 22.20 -23.54
CA ALA A 358 -0.49 22.23 -24.53
C ALA A 358 -1.02 20.84 -24.84
N LEU A 359 -0.11 19.91 -25.15
CA LEU A 359 -0.49 18.52 -25.40
C LEU A 359 -1.11 17.88 -24.15
N GLU A 360 -0.44 18.00 -23.01
CA GLU A 360 -0.93 17.39 -21.77
C GLU A 360 -2.40 17.72 -21.52
N GLU A 361 -2.75 18.99 -21.69
CA GLU A 361 -4.14 19.41 -21.61
C GLU A 361 -4.97 18.61 -22.58
N VAL A 362 -4.61 18.69 -23.85
CA VAL A 362 -5.39 18.03 -24.90
C VAL A 362 -5.79 16.60 -24.53
N SER A 363 -4.85 15.81 -24.03
CA SER A 363 -5.15 14.42 -23.70
C SER A 363 -6.19 14.37 -22.61
N ILE A 364 -5.94 15.13 -21.54
CA ILE A 364 -6.85 15.16 -20.43
C ILE A 364 -8.22 15.56 -20.96
N GLU A 365 -8.28 16.69 -21.64
CA GLU A 365 -9.58 17.25 -22.01
C GLU A 365 -10.32 16.51 -23.12
N THR A 366 -9.67 15.55 -23.77
CA THR A 366 -10.33 14.68 -24.77
C THR A 366 -11.14 13.59 -24.07
N ILE A 367 -10.59 13.05 -22.98
CA ILE A 367 -11.33 12.16 -22.09
C ILE A 367 -12.38 12.98 -21.34
N GLU A 368 -11.94 14.03 -20.68
CA GLU A 368 -12.80 14.84 -19.82
C GLU A 368 -14.01 15.32 -20.62
N ALA A 369 -14.03 14.96 -21.90
CA ALA A 369 -15.08 15.39 -22.82
C ALA A 369 -15.85 14.21 -23.38
N GLY A 370 -15.63 13.04 -22.80
CA GLY A 370 -16.36 11.84 -23.21
C GLY A 370 -15.76 11.05 -24.36
N PHE A 371 -14.66 11.50 -24.93
CA PHE A 371 -14.02 10.72 -25.97
C PHE A 371 -12.91 9.90 -25.36
N MET A 372 -13.03 8.57 -25.38
CA MET A 372 -12.04 7.73 -24.70
C MET A 372 -11.86 6.27 -25.19
N THR A 373 -10.83 5.62 -24.62
CA THR A 373 -10.54 4.22 -24.86
C THR A 373 -11.25 3.34 -23.82
N LYS A 374 -11.58 2.12 -24.23
CA LYS A 374 -12.44 1.22 -23.47
C LYS A 374 -12.12 1.08 -21.99
N ASP A 375 -10.84 0.88 -21.65
CA ASP A 375 -10.39 0.75 -20.26
C ASP A 375 -10.86 1.89 -19.36
N LEU A 376 -10.92 3.09 -19.94
CA LEU A 376 -11.37 4.27 -19.24
C LEU A 376 -12.89 4.34 -19.25
N ALA A 377 -13.50 3.97 -20.38
CA ALA A 377 -14.95 3.82 -20.48
C ALA A 377 -15.38 2.93 -19.32
N ALA A 378 -14.88 1.69 -19.32
CA ALA A 378 -15.11 0.70 -18.25
C ALA A 378 -14.88 1.21 -16.84
N CYS A 379 -14.00 2.20 -16.70
CA CYS A 379 -13.75 2.79 -15.43
C CYS A 379 -14.98 3.58 -14.98
N ILE A 380 -15.60 4.29 -15.93
CA ILE A 380 -16.82 5.04 -15.64
C ILE A 380 -18.02 4.11 -15.56
N LYS A 381 -18.33 3.43 -16.66
CA LYS A 381 -19.62 2.76 -16.82
C LYS A 381 -19.68 1.33 -16.32
N GLY A 382 -18.58 0.83 -15.77
CA GLY A 382 -18.53 -0.53 -15.27
C GLY A 382 -18.27 -1.53 -16.38
N LEU A 383 -17.27 -2.37 -16.17
CA LEU A 383 -16.86 -3.40 -17.11
C LEU A 383 -18.04 -4.12 -17.84
N PRO A 384 -19.03 -4.66 -17.09
CA PRO A 384 -20.13 -5.33 -17.79
C PRO A 384 -21.03 -4.42 -18.61
N ASN A 385 -21.08 -3.13 -18.30
CA ASN A 385 -22.02 -2.19 -18.96
C ASN A 385 -21.43 -1.31 -20.07
N VAL A 386 -20.14 -1.48 -20.33
CA VAL A 386 -19.51 -0.72 -21.40
C VAL A 386 -20.02 -1.20 -22.76
N GLN A 387 -20.45 -0.26 -23.60
CA GLN A 387 -20.91 -0.57 -24.95
C GLN A 387 -19.90 -0.04 -25.97
N ARG A 388 -20.03 -0.50 -27.21
CA ARG A 388 -19.13 -0.07 -28.27
C ARG A 388 -19.20 1.44 -28.41
N SER A 389 -20.41 1.99 -28.32
CA SER A 389 -20.59 3.42 -28.52
C SER A 389 -20.18 4.26 -27.32
N ASP A 390 -19.51 3.63 -26.36
CA ASP A 390 -19.02 4.36 -25.21
C ASP A 390 -17.55 4.70 -25.37
N TYR A 391 -16.86 3.89 -26.17
CA TYR A 391 -15.45 4.11 -26.41
C TYR A 391 -15.06 4.28 -27.88
N LEU A 392 -13.78 4.60 -28.09
CA LEU A 392 -13.18 4.61 -29.41
C LEU A 392 -11.95 3.72 -29.33
N ASN A 393 -11.64 3.08 -30.47
CA ASN A 393 -10.53 2.14 -30.56
C ASN A 393 -9.21 2.85 -30.80
N THR A 394 -8.12 2.10 -30.62
CA THR A 394 -6.76 2.63 -30.56
C THR A 394 -6.55 3.73 -31.61
N PHE A 395 -6.78 3.41 -32.88
CA PHE A 395 -6.59 4.37 -33.98
C PHE A 395 -7.52 5.59 -33.90
N GLU A 396 -8.82 5.34 -33.70
CA GLU A 396 -9.80 6.42 -33.75
C GLU A 396 -9.51 7.47 -32.71
N PHE A 397 -9.05 7.02 -31.55
CA PHE A 397 -8.75 7.90 -30.43
C PHE A 397 -7.63 8.88 -30.74
N MET A 398 -6.48 8.33 -31.19
CA MET A 398 -5.32 9.10 -31.70
C MET A 398 -5.74 10.19 -32.67
N ASP A 399 -6.61 9.83 -33.61
CA ASP A 399 -7.27 10.81 -34.48
C ASP A 399 -7.85 11.95 -33.69
N LYS A 400 -8.79 11.65 -32.78
CA LYS A 400 -9.42 12.71 -32.01
C LYS A 400 -8.35 13.55 -31.30
N LEU A 401 -7.47 12.88 -30.55
CA LEU A 401 -6.36 13.58 -29.98
C LEU A 401 -5.63 14.41 -31.02
N GLY A 402 -5.51 13.88 -32.24
CA GLY A 402 -4.83 14.57 -33.34
C GLY A 402 -5.56 15.84 -33.66
N GLU A 403 -6.79 15.66 -34.15
CA GLU A 403 -7.72 16.75 -34.47
C GLU A 403 -7.68 17.88 -33.44
N ASN A 404 -7.76 17.53 -32.15
CA ASN A 404 -7.83 18.50 -31.05
C ASN A 404 -6.57 19.33 -30.78
N LEU A 405 -5.41 18.71 -30.99
CA LEU A 405 -4.12 19.34 -30.75
C LEU A 405 -3.91 20.41 -31.77
N LYS A 406 -4.44 20.16 -32.97
CA LYS A 406 -4.50 21.17 -34.01
C LYS A 406 -5.27 22.38 -33.46
N ILE A 407 -6.56 22.18 -33.19
CA ILE A 407 -7.43 23.23 -32.65
C ILE A 407 -6.78 23.95 -31.48
N LYS A 408 -6.51 23.23 -30.39
CA LYS A 408 -5.85 23.83 -29.22
C LYS A 408 -4.69 24.72 -29.63
N LEU A 409 -3.88 24.24 -30.56
CA LEU A 409 -2.67 24.93 -31.01
C LEU A 409 -2.94 26.12 -31.90
N ALA A 410 -4.01 26.06 -32.69
CA ALA A 410 -4.43 27.18 -33.54
C ALA A 410 -4.88 28.38 -32.70
N GLN A 411 -5.06 28.18 -31.40
CA GLN A 411 -5.39 29.26 -30.50
C GLN A 411 -4.17 29.55 -29.57
N LYS B 4 -35.09 -12.65 28.08
CA LYS B 4 -33.67 -12.33 27.72
C LYS B 4 -32.73 -13.56 27.61
N ILE B 5 -31.56 -13.39 26.97
CA ILE B 5 -30.64 -14.52 26.70
C ILE B 5 -29.51 -14.65 27.74
N SER B 6 -28.92 -15.84 27.83
CA SER B 6 -27.75 -16.04 28.70
C SER B 6 -26.44 -15.93 27.93
N GLY B 7 -25.87 -14.71 27.90
CA GLY B 7 -24.64 -14.42 27.17
C GLY B 7 -23.40 -14.93 27.87
N GLY B 8 -23.30 -14.68 29.15
CA GLY B 8 -22.16 -15.21 29.86
C GLY B 8 -20.94 -14.31 29.78
N SER B 9 -19.77 -14.93 30.01
CA SER B 9 -18.52 -14.20 30.22
C SER B 9 -18.11 -13.42 28.98
N VAL B 10 -17.93 -12.11 29.14
CA VAL B 10 -17.51 -11.23 28.04
C VAL B 10 -16.67 -10.08 28.62
N VAL B 11 -15.40 -10.00 28.21
CA VAL B 11 -14.55 -8.86 28.57
C VAL B 11 -14.84 -7.73 27.60
N GLU B 12 -15.21 -6.58 28.14
CA GLU B 12 -15.47 -5.40 27.33
C GLU B 12 -14.62 -4.23 27.81
N MET B 13 -14.17 -3.37 26.90
CA MET B 13 -13.32 -2.23 27.26
C MET B 13 -13.92 -0.95 26.69
N GLN B 14 -14.32 -0.02 27.56
CA GLN B 14 -14.81 1.28 27.11
C GLN B 14 -13.62 2.13 26.65
N GLY B 15 -13.87 3.03 25.71
CA GLY B 15 -12.80 3.78 25.06
C GLY B 15 -12.99 5.26 25.23
N ASP B 16 -12.59 6.04 24.23
CA ASP B 16 -12.62 7.48 24.37
C ASP B 16 -13.57 8.11 23.42
N GLU B 17 -13.79 9.41 23.64
CA GLU B 17 -14.40 10.32 22.68
C GLU B 17 -15.61 9.78 21.96
N MET B 18 -15.72 10.09 20.68
CA MET B 18 -16.96 9.86 19.99
C MET B 18 -17.40 8.40 19.99
N THR B 19 -16.44 7.50 19.89
CA THR B 19 -16.72 6.07 19.97
C THR B 19 -17.23 5.64 21.32
N ARG B 20 -16.69 6.18 22.40
CA ARG B 20 -17.27 5.96 23.72
C ARG B 20 -18.80 6.20 23.71
N ILE B 21 -19.23 7.33 23.15
CA ILE B 21 -20.64 7.73 23.20
C ILE B 21 -21.52 6.76 22.43
N ILE B 22 -21.03 6.39 21.26
CA ILE B 22 -21.60 5.33 20.47
C ILE B 22 -21.58 3.96 21.16
N TRP B 23 -20.48 3.63 21.83
CA TRP B 23 -20.33 2.34 22.49
C TRP B 23 -21.42 2.17 23.49
N GLU B 24 -21.64 3.20 24.29
CA GLU B 24 -22.64 3.14 25.33
C GLU B 24 -24.03 2.95 24.76
N LEU B 25 -24.33 3.65 23.67
CA LEU B 25 -25.62 3.49 23.00
C LEU B 25 -25.84 2.08 22.47
N ILE B 26 -24.84 1.54 21.76
CA ILE B 26 -24.87 0.15 21.26
C ILE B 26 -25.33 -0.81 22.35
N LYS B 27 -24.74 -0.67 23.54
CA LYS B 27 -25.08 -1.48 24.68
C LYS B 27 -26.54 -1.27 25.07
N GLU B 28 -26.88 -0.03 25.42
CA GLU B 28 -28.16 0.23 26.05
C GLU B 28 -29.33 -0.02 25.10
N LYS B 29 -29.11 0.21 23.80
CA LYS B 29 -30.19 0.09 22.80
C LYS B 29 -30.23 -1.19 21.96
N LEU B 30 -29.13 -1.93 21.91
CA LEU B 30 -29.08 -3.14 21.08
C LEU B 30 -28.75 -4.41 21.86
N ILE B 31 -27.86 -4.29 22.83
CA ILE B 31 -27.31 -5.44 23.51
C ILE B 31 -28.12 -5.73 24.77
N PHE B 32 -27.95 -4.90 25.79
CA PHE B 32 -28.60 -5.11 27.08
C PHE B 32 -30.11 -5.34 27.04
N PRO B 33 -30.84 -4.70 26.08
CA PRO B 33 -32.28 -5.01 26.00
C PRO B 33 -32.63 -6.41 25.47
N TYR B 34 -31.65 -7.31 25.34
CA TYR B 34 -31.87 -8.59 24.65
C TYR B 34 -31.06 -9.76 25.20
N VAL B 35 -29.98 -9.40 25.87
CA VAL B 35 -28.96 -10.34 26.31
C VAL B 35 -28.50 -9.96 27.73
N GLU B 36 -28.37 -10.98 28.59
CA GLU B 36 -27.84 -10.83 29.95
C GLU B 36 -26.46 -11.45 29.97
N LEU B 37 -25.43 -10.63 30.20
CA LEU B 37 -24.03 -11.08 30.08
C LEU B 37 -23.28 -11.04 31.40
N ASP B 38 -22.40 -12.01 31.60
CA ASP B 38 -21.47 -11.95 32.75
C ASP B 38 -20.34 -10.99 32.37
N LEU B 39 -20.53 -9.70 32.62
CA LEU B 39 -19.74 -8.68 31.97
C LEU B 39 -18.56 -8.12 32.77
N HIS B 40 -17.35 -8.55 32.43
CA HIS B 40 -16.15 -7.99 33.00
C HIS B 40 -15.82 -6.71 32.28
N SER B 41 -16.26 -5.57 32.82
CA SER B 41 -15.97 -4.25 32.22
C SER B 41 -14.64 -3.63 32.70
N TYR B 42 -13.94 -3.01 31.76
CA TYR B 42 -12.68 -2.33 32.05
C TYR B 42 -12.79 -0.98 31.38
N ASP B 43 -12.34 0.08 32.03
CA ASP B 43 -12.44 1.41 31.44
C ASP B 43 -11.08 1.85 30.94
N LEU B 44 -10.89 1.78 29.62
CA LEU B 44 -9.63 2.15 28.99
C LEU B 44 -9.66 3.59 28.50
N GLY B 45 -10.70 4.34 28.88
CA GLY B 45 -10.76 5.77 28.64
C GLY B 45 -9.47 6.42 29.12
N ILE B 46 -9.01 7.41 28.37
CA ILE B 46 -7.70 8.02 28.62
C ILE B 46 -7.45 8.48 30.07
N GLU B 47 -8.37 9.23 30.68
CA GLU B 47 -8.14 9.71 32.05
C GLU B 47 -7.95 8.57 33.06
N ASN B 48 -8.70 7.49 32.90
CA ASN B 48 -8.59 6.34 33.78
C ASN B 48 -7.29 5.55 33.61
N ARG B 49 -6.89 5.31 32.36
CA ARG B 49 -5.61 4.67 32.09
C ARG B 49 -4.46 5.45 32.70
N ASP B 50 -4.54 6.77 32.62
CA ASP B 50 -3.52 7.61 33.21
C ASP B 50 -3.55 7.50 34.73
N ALA B 51 -4.72 7.73 35.30
CA ALA B 51 -4.98 7.51 36.72
C ALA B 51 -4.36 6.24 37.27
N THR B 52 -4.59 5.12 36.62
CA THR B 52 -4.15 3.86 37.18
C THR B 52 -2.80 3.40 36.66
N ASN B 53 -2.05 4.31 36.05
CA ASN B 53 -0.83 3.98 35.31
C ASN B 53 -1.01 2.77 34.40
N ASP B 54 -1.72 2.98 33.28
CA ASP B 54 -2.02 1.96 32.28
C ASP B 54 -2.22 0.58 32.88
N GLN B 55 -2.64 0.51 34.13
CA GLN B 55 -2.82 -0.78 34.79
C GLN B 55 -4.09 -1.46 34.33
N VAL B 56 -5.17 -0.68 34.19
CA VAL B 56 -6.45 -1.16 33.67
C VAL B 56 -6.15 -2.06 32.50
N THR B 57 -5.39 -1.49 31.57
CA THR B 57 -5.11 -2.10 30.29
C THR B 57 -4.50 -3.48 30.51
N LYS B 58 -3.56 -3.58 31.44
CA LYS B 58 -2.87 -4.83 31.72
C LYS B 58 -3.81 -5.90 32.24
N ASP B 59 -4.76 -5.52 33.09
CA ASP B 59 -5.73 -6.45 33.66
C ASP B 59 -6.78 -6.91 32.64
N ALA B 60 -7.16 -5.97 31.78
CA ALA B 60 -8.16 -6.17 30.75
C ALA B 60 -7.64 -7.27 29.87
N ALA B 61 -6.37 -7.13 29.52
CA ALA B 61 -5.63 -8.08 28.76
C ALA B 61 -5.57 -9.44 29.44
N GLU B 62 -5.34 -9.47 30.75
CA GLU B 62 -5.28 -10.73 31.48
C GLU B 62 -6.64 -11.39 31.43
N ALA B 63 -7.67 -10.56 31.56
CA ALA B 63 -9.07 -10.95 31.51
C ALA B 63 -9.48 -11.68 30.20
N ILE B 64 -9.01 -11.17 29.05
CA ILE B 64 -9.32 -11.77 27.75
C ILE B 64 -8.61 -13.10 27.62
N LYS B 65 -7.33 -13.12 27.94
CA LYS B 65 -6.62 -14.37 28.10
C LYS B 65 -7.49 -15.34 28.89
N LYS B 66 -8.15 -14.85 29.93
CA LYS B 66 -8.88 -15.68 30.86
C LYS B 66 -10.32 -16.04 30.46
N HIS B 67 -10.98 -15.22 29.67
CA HIS B 67 -12.40 -15.49 29.41
C HIS B 67 -12.70 -15.79 27.99
N ASN B 68 -11.76 -15.42 27.12
CA ASN B 68 -11.73 -15.85 25.72
C ASN B 68 -12.45 -14.94 24.74
N VAL B 69 -13.22 -14.01 25.27
CA VAL B 69 -13.95 -13.10 24.41
C VAL B 69 -13.63 -11.66 24.79
N GLY B 70 -13.32 -10.83 23.80
CA GLY B 70 -13.01 -9.42 24.05
C GLY B 70 -13.56 -8.46 23.01
N VAL B 71 -14.37 -7.49 23.45
CA VAL B 71 -14.75 -6.43 22.53
C VAL B 71 -14.23 -5.10 23.02
N LYS B 72 -13.69 -4.31 22.10
CA LYS B 72 -12.97 -3.11 22.47
C LYS B 72 -13.46 -1.85 21.74
N CYS B 73 -13.70 -0.80 22.52
CA CYS B 73 -14.00 0.52 22.01
C CYS B 73 -12.67 1.21 21.67
N ALA B 74 -12.73 2.12 20.70
CA ALA B 74 -11.55 2.83 20.25
C ALA B 74 -10.94 3.61 21.40
N THR B 75 -9.61 3.69 21.41
CA THR B 75 -8.85 4.38 22.48
C THR B 75 -7.79 5.35 21.97
N ILE B 76 -7.91 6.59 22.41
CA ILE B 76 -6.88 7.60 22.18
C ILE B 76 -5.50 7.03 22.42
N THR B 77 -4.61 7.18 21.43
CA THR B 77 -3.19 6.86 21.63
C THR B 77 -2.40 8.15 21.81
N PRO B 78 -1.54 8.21 22.84
CA PRO B 78 -0.96 9.50 23.21
C PRO B 78 0.20 9.97 22.34
N ASP B 79 0.10 11.20 21.88
CA ASP B 79 1.23 11.95 21.35
C ASP B 79 1.33 13.24 22.19
N GLU B 80 2.31 14.09 21.92
CA GLU B 80 2.49 15.30 22.69
C GLU B 80 1.26 16.20 22.86
N LYS B 81 0.52 16.45 21.77
CA LYS B 81 -0.66 17.33 21.88
C LYS B 81 -1.61 16.79 22.95
N ARG B 82 -1.73 15.46 22.99
CA ARG B 82 -2.57 14.74 23.94
C ARG B 82 -1.95 14.70 25.33
N VAL B 83 -0.67 14.40 25.42
CA VAL B 83 0.02 14.43 26.70
C VAL B 83 -0.31 15.72 27.41
N GLU B 84 -0.37 16.80 26.66
CA GLU B 84 -0.66 18.07 27.27
C GLU B 84 -2.16 18.42 27.29
N GLU B 85 -2.95 17.89 26.36
CA GLU B 85 -4.41 18.04 26.42
C GLU B 85 -5.05 17.40 27.66
N PHE B 86 -4.55 16.23 28.04
CA PHE B 86 -5.08 15.52 29.18
C PHE B 86 -4.12 15.58 30.33
N LYS B 87 -3.06 16.38 30.15
CA LYS B 87 -2.02 16.59 31.16
C LYS B 87 -1.48 15.27 31.71
N LEU B 88 -1.51 14.24 30.87
CA LEU B 88 -0.98 12.90 31.16
C LEU B 88 0.41 12.93 31.80
N LYS B 89 0.68 11.96 32.66
CA LYS B 89 1.95 11.93 33.37
C LYS B 89 2.97 11.06 32.67
N GLN B 90 2.62 10.64 31.46
CA GLN B 90 3.50 9.83 30.60
C GLN B 90 2.91 9.71 29.20
N MET B 91 3.73 9.40 28.21
CA MET B 91 3.21 9.09 26.91
C MET B 91 3.01 7.59 26.93
N TRP B 92 1.84 7.16 27.39
CA TRP B 92 1.57 5.75 27.52
C TRP B 92 1.62 5.10 26.18
N LYS B 93 1.86 3.80 26.16
CA LYS B 93 1.80 3.11 24.90
C LYS B 93 0.35 2.84 24.48
N SER B 94 0.16 2.69 23.17
CA SER B 94 -1.07 2.17 22.61
C SER B 94 -1.55 0.97 23.42
N PRO B 95 -2.81 1.00 23.86
CA PRO B 95 -3.50 -0.09 24.53
C PRO B 95 -3.56 -1.33 23.64
N ASN B 96 -3.78 -1.11 22.35
CA ASN B 96 -3.88 -2.20 21.38
C ASN B 96 -2.53 -2.90 21.27
N GLY B 97 -1.47 -2.10 21.32
CA GLY B 97 -0.11 -2.62 21.41
C GLY B 97 -0.04 -3.58 22.58
N THR B 98 -0.28 -3.04 23.77
CA THR B 98 -0.25 -3.82 25.02
C THR B 98 -1.04 -5.13 24.91
N ILE B 99 -2.28 -5.04 24.46
CA ILE B 99 -3.13 -6.21 24.42
C ILE B 99 -2.60 -7.29 23.47
N ARG B 100 -2.20 -6.89 22.26
CA ARG B 100 -1.69 -7.82 21.26
C ARG B 100 -0.49 -8.55 21.80
N ASN B 101 0.43 -7.80 22.43
CA ASN B 101 1.60 -8.41 23.05
C ASN B 101 1.24 -9.52 23.98
N ILE B 102 0.35 -9.23 24.93
CA ILE B 102 -0.10 -10.20 25.90
C ILE B 102 -0.79 -11.39 25.26
N LEU B 103 -1.49 -11.17 24.14
CA LEU B 103 -2.33 -12.21 23.55
C LEU B 103 -1.74 -13.01 22.39
N GLY B 104 -0.96 -12.32 21.55
CA GLY B 104 -0.45 -12.91 20.32
C GLY B 104 -1.58 -13.22 19.34
N GLY B 105 -1.26 -14.03 18.33
CA GLY B 105 -2.24 -14.39 17.33
C GLY B 105 -2.31 -13.33 16.26
N THR B 106 -3.21 -13.49 15.30
CA THR B 106 -3.17 -12.64 14.12
C THR B 106 -4.45 -11.83 13.90
N VAL B 107 -4.28 -10.59 13.43
CA VAL B 107 -5.39 -9.67 13.17
C VAL B 107 -5.96 -9.85 11.77
N PHE B 108 -7.28 -9.74 11.65
CA PHE B 108 -7.96 -9.78 10.35
C PHE B 108 -8.90 -8.58 10.20
N ARG B 109 -8.80 -7.86 9.09
CA ARG B 109 -9.72 -6.75 8.81
C ARG B 109 -10.74 -7.11 7.72
N GLU B 110 -11.98 -6.70 7.91
CA GLU B 110 -13.02 -6.94 6.94
C GLU B 110 -13.83 -5.68 6.71
N ALA B 111 -13.97 -5.25 5.45
CA ALA B 111 -15.01 -4.26 5.12
C ALA B 111 -16.38 -4.94 5.18
N ILE B 112 -17.27 -4.43 6.03
CA ILE B 112 -18.66 -4.93 6.03
C ILE B 112 -19.33 -4.38 4.77
N ILE B 113 -19.78 -5.28 3.89
CA ILE B 113 -20.25 -4.88 2.56
C ILE B 113 -21.74 -4.60 2.51
N CYS B 114 -22.07 -3.35 2.24
CA CYS B 114 -23.46 -2.97 2.04
C CYS B 114 -23.70 -2.85 0.57
N LYS B 115 -24.60 -3.67 0.03
CA LYS B 115 -24.75 -3.76 -1.44
C LYS B 115 -24.92 -2.42 -2.17
N ASN B 116 -25.49 -1.42 -1.49
CA ASN B 116 -25.78 -0.11 -2.12
C ASN B 116 -24.69 0.95 -2.06
N ILE B 117 -23.49 0.59 -1.56
CA ILE B 117 -22.32 1.50 -1.45
C ILE B 117 -21.16 1.11 -2.40
N PRO B 118 -20.58 2.09 -3.14
CA PRO B 118 -19.61 1.89 -4.24
C PRO B 118 -18.56 0.77 -4.16
N PRO B 127 -16.97 -10.30 0.41
CA PRO B 127 -16.01 -9.50 1.20
C PRO B 127 -14.67 -10.19 1.34
N ILE B 128 -13.60 -9.41 1.32
CA ILE B 128 -12.26 -9.94 1.42
C ILE B 128 -11.83 -9.77 2.86
N ILE B 129 -11.30 -10.84 3.43
CA ILE B 129 -10.74 -10.78 4.78
C ILE B 129 -9.23 -10.96 4.69
N ILE B 130 -8.51 -9.91 5.11
CA ILE B 130 -7.06 -9.84 5.03
C ILE B 130 -6.38 -10.00 6.40
N GLY B 131 -5.39 -10.89 6.45
CA GLY B 131 -4.70 -11.22 7.69
C GLY B 131 -3.21 -10.91 7.64
N HIS B 132 -2.83 -9.79 8.23
CA HIS B 132 -1.42 -9.43 8.39
C HIS B 132 -0.81 -10.31 9.44
N HIS B 133 0.51 -10.44 9.35
CA HIS B 133 1.28 -11.44 10.11
C HIS B 133 0.81 -11.71 11.53
N ALA B 141 13.68 -7.71 14.90
CA ALA B 141 14.78 -7.38 13.98
C ALA B 141 15.79 -6.38 14.52
N THR B 142 17.05 -6.59 14.18
CA THR B 142 18.15 -5.80 14.71
C THR B 142 18.75 -4.90 13.62
N ASP B 143 18.67 -3.58 13.84
CA ASP B 143 19.16 -2.58 12.87
C ASP B 143 20.27 -1.75 13.46
N PHE B 144 21.25 -1.38 12.65
CA PHE B 144 22.40 -0.64 13.15
C PHE B 144 23.05 0.17 12.06
N VAL B 145 23.91 1.10 12.46
CA VAL B 145 24.52 2.01 11.50
C VAL B 145 25.92 1.55 11.19
N VAL B 146 26.28 1.51 9.91
CA VAL B 146 27.66 1.25 9.59
C VAL B 146 28.35 2.57 9.30
N PRO B 147 29.39 2.89 10.08
CA PRO B 147 29.92 4.25 10.13
C PRO B 147 30.84 4.51 8.97
N GLY B 148 31.34 3.45 8.36
CA GLY B 148 32.30 3.53 7.26
C GLY B 148 32.54 2.17 6.65
N PRO B 149 33.43 2.08 5.67
CA PRO B 149 33.73 0.84 4.95
C PRO B 149 34.07 -0.34 5.85
N GLY B 150 33.83 -1.55 5.35
CA GLY B 150 34.08 -2.78 6.09
C GLY B 150 33.14 -3.88 5.62
N LYS B 151 33.33 -5.10 6.15
CA LYS B 151 32.49 -6.27 5.81
C LYS B 151 31.33 -6.40 6.76
N VAL B 152 30.15 -6.63 6.22
CA VAL B 152 29.01 -7.00 7.05
C VAL B 152 28.52 -8.39 6.70
N GLU B 153 28.57 -9.27 7.69
CA GLU B 153 28.39 -10.69 7.46
C GLU B 153 27.36 -11.25 8.45
N ILE B 154 26.30 -11.85 7.91
CA ILE B 154 25.25 -12.53 8.72
C ILE B 154 25.53 -14.02 8.89
N THR B 155 25.92 -14.37 10.10
CA THR B 155 26.42 -15.68 10.41
C THR B 155 25.39 -16.49 11.19
N TYR B 156 25.40 -17.81 10.99
CA TYR B 156 24.52 -18.70 11.73
C TYR B 156 25.30 -19.86 12.33
N THR B 157 25.06 -20.16 13.61
CA THR B 157 25.84 -21.14 14.37
C THR B 157 24.98 -22.21 15.09
N PRO B 158 24.70 -23.37 14.44
CA PRO B 158 23.95 -24.46 15.11
C PRO B 158 24.35 -24.62 16.56
N SER B 159 23.53 -25.31 17.36
CA SER B 159 23.88 -25.63 18.76
C SER B 159 24.82 -26.84 18.91
N ASP B 160 24.77 -27.74 17.94
CA ASP B 160 25.76 -28.82 17.80
C ASP B 160 26.90 -28.42 16.83
N GLY B 161 27.20 -27.12 16.78
CA GLY B 161 28.15 -26.51 15.83
C GLY B 161 28.72 -27.34 14.69
N THR B 162 27.86 -27.93 13.86
CA THR B 162 28.32 -28.68 12.68
C THR B 162 28.27 -27.82 11.43
N GLN B 163 27.80 -26.58 11.56
CA GLN B 163 28.12 -25.54 10.56
C GLN B 163 28.26 -24.11 11.03
N LYS B 164 28.58 -23.25 10.08
CA LYS B 164 29.04 -21.91 10.37
C LYS B 164 28.73 -21.17 9.08
N VAL B 165 27.59 -21.49 8.49
CA VAL B 165 27.22 -20.69 7.37
C VAL B 165 27.48 -19.25 7.82
N THR B 166 28.23 -18.50 7.02
CA THR B 166 28.29 -17.06 7.20
C THR B 166 28.34 -16.32 5.86
N TYR B 167 27.24 -15.67 5.50
CA TYR B 167 27.16 -15.02 4.23
C TYR B 167 27.59 -13.59 4.34
N LEU B 168 28.23 -13.08 3.29
CA LEU B 168 28.53 -11.66 3.20
C LEU B 168 27.23 -10.92 2.89
N VAL B 169 26.89 -9.91 3.69
CA VAL B 169 25.72 -9.07 3.41
C VAL B 169 26.13 -7.98 2.41
N HIS B 170 27.27 -7.34 2.68
CA HIS B 170 27.83 -6.32 1.82
C HIS B 170 29.21 -6.01 2.30
N ASN B 171 30.04 -5.63 1.35
CA ASN B 171 31.32 -5.03 1.63
C ASN B 171 31.19 -3.53 1.35
N PHE B 172 31.37 -2.71 2.37
CA PHE B 172 31.22 -1.29 2.14
C PHE B 172 32.58 -0.77 1.75
N GLU B 173 32.61 0.05 0.69
CA GLU B 173 33.84 0.63 0.17
C GLU B 173 33.56 2.04 -0.25
N GLU B 174 32.41 2.22 -0.91
CA GLU B 174 31.78 3.54 -1.10
C GLU B 174 32.04 4.47 0.12
N GLY B 175 31.27 4.23 1.19
CA GLY B 175 31.44 4.88 2.47
C GLY B 175 30.82 3.95 3.50
N GLY B 176 30.26 4.52 4.56
CA GLY B 176 29.45 3.76 5.52
C GLY B 176 28.05 3.54 5.00
N GLY B 177 27.08 3.48 5.91
CA GLY B 177 25.67 3.29 5.56
C GLY B 177 24.80 2.77 6.69
N VAL B 178 23.86 1.90 6.32
CA VAL B 178 22.91 1.33 7.28
C VAL B 178 22.63 -0.16 6.98
N ALA B 179 22.37 -0.99 8.01
CA ALA B 179 22.19 -2.45 7.86
C ALA B 179 21.37 -3.13 8.97
N MET B 180 20.88 -4.36 8.73
CA MET B 180 20.00 -5.06 9.69
C MET B 180 19.85 -6.58 9.56
N GLY B 181 19.40 -7.24 10.62
CA GLY B 181 19.14 -8.68 10.62
C GLY B 181 17.73 -9.09 11.07
N MET B 182 16.90 -9.53 10.13
CA MET B 182 15.52 -9.95 10.40
C MET B 182 15.49 -11.45 10.56
N TYR B 183 14.74 -11.93 11.54
CA TYR B 183 14.55 -13.37 11.68
C TYR B 183 13.08 -13.69 11.81
N ASN B 184 12.77 -14.97 11.86
CA ASN B 184 11.42 -15.43 12.02
C ASN B 184 11.39 -16.86 12.46
N GLN B 185 10.68 -17.13 13.56
CA GLN B 185 10.61 -18.49 14.10
C GLN B 185 9.43 -19.31 13.54
N ASP B 186 9.69 -20.60 13.31
CA ASP B 186 8.74 -21.55 12.72
C ASP B 186 7.43 -21.52 13.47
N LYS B 187 7.51 -21.71 14.79
CA LYS B 187 6.34 -21.66 15.64
C LYS B 187 5.42 -20.55 15.20
N SER B 188 5.95 -19.33 15.12
CA SER B 188 5.21 -18.14 14.73
C SER B 188 4.56 -18.20 13.34
N ILE B 189 5.23 -18.91 12.42
CA ILE B 189 4.69 -19.13 11.08
C ILE B 189 3.49 -20.05 11.16
N GLU B 190 3.63 -21.10 11.97
CA GLU B 190 2.58 -22.10 12.16
C GLU B 190 1.28 -21.46 12.65
N ASP B 191 1.34 -20.76 13.78
CA ASP B 191 0.22 -19.98 14.30
C ASP B 191 -0.50 -19.20 13.21
N PHE B 192 0.23 -18.37 12.47
CA PHE B 192 -0.32 -17.71 11.29
C PHE B 192 -1.19 -18.67 10.46
N ALA B 193 -0.59 -19.73 9.94
CA ALA B 193 -1.30 -20.70 9.13
C ALA B 193 -2.49 -21.33 9.87
N HIS B 194 -2.29 -21.69 11.14
CA HIS B 194 -3.37 -22.15 12.03
C HIS B 194 -4.50 -21.16 12.09
N SER B 195 -4.22 -20.01 12.70
CA SER B 195 -5.15 -18.91 12.71
C SER B 195 -5.81 -18.72 11.34
N SER B 196 -5.01 -18.73 10.27
CA SER B 196 -5.53 -18.53 8.93
C SER B 196 -6.50 -19.61 8.47
N PHE B 197 -6.10 -20.86 8.59
CA PHE B 197 -6.91 -21.99 8.14
C PHE B 197 -8.19 -22.06 8.96
N GLN B 198 -8.08 -21.94 10.28
CA GLN B 198 -9.24 -21.93 11.16
C GLN B 198 -10.25 -20.84 10.76
N MET B 199 -9.78 -19.60 10.71
CA MET B 199 -10.58 -18.50 10.23
C MET B 199 -11.29 -18.88 8.94
N ALA B 200 -10.56 -19.51 8.03
CA ALA B 200 -11.09 -19.88 6.70
C ALA B 200 -12.21 -20.92 6.76
N LEU B 201 -12.23 -21.71 7.83
CA LEU B 201 -13.27 -22.70 8.04
C LEU B 201 -14.48 -21.97 8.58
N SER B 202 -14.26 -21.23 9.67
CA SER B 202 -15.32 -20.48 10.36
C SER B 202 -16.23 -19.65 9.46
N LYS B 203 -15.71 -19.17 8.33
CA LYS B 203 -16.54 -18.40 7.40
C LYS B 203 -16.75 -19.09 6.06
N GLY B 204 -16.19 -20.28 5.90
CA GLY B 204 -16.38 -21.09 4.70
C GLY B 204 -16.01 -20.37 3.40
N TRP B 205 -14.81 -19.80 3.38
CA TRP B 205 -14.29 -19.08 2.24
C TRP B 205 -12.91 -19.59 1.88
N PRO B 206 -12.63 -19.68 0.56
CA PRO B 206 -11.30 -19.97 0.00
C PRO B 206 -10.14 -19.18 0.66
N LEU B 207 -9.12 -19.90 1.13
CA LEU B 207 -7.94 -19.27 1.73
C LEU B 207 -6.76 -19.14 0.75
N TYR B 208 -6.22 -17.93 0.64
CA TYR B 208 -5.09 -17.69 -0.23
C TYR B 208 -3.92 -17.09 0.56
N LEU B 209 -2.70 -17.38 0.13
CA LEU B 209 -1.51 -16.74 0.68
C LEU B 209 -0.60 -16.25 -0.45
N SER B 210 -0.08 -15.04 -0.31
CA SER B 210 0.72 -14.42 -1.37
C SER B 210 2.24 -14.70 -1.35
N LEU B 216 12.61 -12.47 -2.91
CA LEU B 216 13.10 -12.97 -1.62
C LEU B 216 12.91 -14.47 -1.49
N LYS B 217 13.76 -15.19 -2.21
CA LYS B 217 13.68 -16.64 -2.34
C LYS B 217 13.28 -17.39 -1.05
N LYS B 218 14.24 -17.61 -0.15
CA LYS B 218 14.09 -18.62 0.91
C LYS B 218 13.24 -18.24 2.14
N TYR B 219 12.81 -16.99 2.21
CA TYR B 219 12.04 -16.48 3.36
C TYR B 219 10.55 -16.53 3.08
N ASP B 220 10.02 -15.54 2.34
CA ASP B 220 8.71 -15.59 1.69
C ASP B 220 8.44 -17.07 1.26
N GLY B 221 9.54 -17.83 1.06
CA GLY B 221 9.50 -19.24 0.66
C GLY B 221 9.01 -20.24 1.71
N ARG B 222 9.83 -20.47 2.74
CA ARG B 222 9.47 -21.37 3.86
C ARG B 222 8.05 -21.18 4.39
N PHE B 223 7.50 -19.99 4.22
CA PHE B 223 6.09 -19.73 4.51
C PHE B 223 5.18 -20.61 3.64
N LYS B 224 5.29 -20.46 2.32
CA LYS B 224 4.47 -21.23 1.38
C LYS B 224 4.51 -22.71 1.79
N ASP B 225 5.72 -23.16 2.16
CA ASP B 225 6.02 -24.53 2.56
C ASP B 225 5.17 -24.99 3.73
N ILE B 226 5.37 -24.33 4.87
CA ILE B 226 4.72 -24.70 6.14
C ILE B 226 3.19 -24.71 6.04
N PHE B 227 2.63 -23.74 5.30
CA PHE B 227 1.19 -23.69 5.03
C PHE B 227 0.73 -25.02 4.40
N GLN B 228 1.30 -25.36 3.24
CA GLN B 228 1.10 -26.67 2.63
C GLN B 228 1.21 -27.78 3.67
N GLU B 229 2.39 -27.97 4.23
CA GLU B 229 2.63 -29.01 5.25
C GLU B 229 1.55 -29.06 6.33
N ILE B 230 0.90 -27.93 6.60
CA ILE B 230 -0.14 -27.87 7.62
C ILE B 230 -1.50 -28.07 6.98
N TYR B 231 -1.62 -27.68 5.72
CA TYR B 231 -2.84 -27.92 4.97
C TYR B 231 -3.05 -29.42 4.72
N ASP B 232 -1.96 -30.10 4.35
CA ASP B 232 -2.02 -31.50 3.93
C ASP B 232 -1.84 -32.45 5.11
N LYS B 233 -2.28 -32.03 6.29
CA LYS B 233 -1.99 -32.77 7.51
C LYS B 233 -3.03 -32.49 8.59
N GLN B 234 -3.65 -31.31 8.54
CA GLN B 234 -4.71 -31.00 9.50
C GLN B 234 -5.95 -30.37 8.85
N TYR B 235 -5.82 -29.93 7.60
CA TYR B 235 -6.93 -29.25 6.90
C TYR B 235 -6.91 -29.56 5.40
N GLN B 242 -15.83 -30.12 2.51
CA GLN B 242 -16.59 -28.89 2.70
C GLN B 242 -16.53 -27.90 1.53
N LYS B 243 -16.15 -28.39 0.36
CA LYS B 243 -16.19 -27.65 -0.92
C LYS B 243 -15.53 -26.27 -0.86
N ILE B 244 -14.24 -26.26 -0.54
CA ILE B 244 -13.50 -25.03 -0.24
C ILE B 244 -12.00 -25.35 -0.38
N TRP B 245 -11.21 -24.38 -0.86
CA TRP B 245 -9.80 -24.65 -1.09
C TRP B 245 -8.84 -23.66 -0.50
N TYR B 246 -7.57 -24.09 -0.41
CA TYR B 246 -6.44 -23.21 -0.07
C TYR B 246 -5.42 -23.23 -1.21
N GLU B 247 -4.76 -22.10 -1.45
CA GLU B 247 -3.80 -22.02 -2.53
C GLU B 247 -2.59 -21.11 -2.25
N HIS B 248 -1.97 -20.61 -3.31
CA HIS B 248 -0.85 -19.68 -3.21
C HIS B 248 -0.85 -18.77 -4.40
N ARG B 249 -0.27 -17.59 -4.24
CA ARG B 249 -0.11 -16.67 -5.36
C ARG B 249 1.09 -15.76 -5.18
N LEU B 250 1.27 -14.87 -6.13
CA LEU B 250 2.14 -13.73 -5.93
C LEU B 250 1.23 -12.52 -6.03
N ILE B 251 1.59 -11.48 -5.27
CA ILE B 251 0.74 -10.32 -5.02
C ILE B 251 -0.27 -9.96 -6.14
N ASP B 252 0.23 -9.79 -7.37
CA ASP B 252 -0.50 -9.11 -8.45
C ASP B 252 -1.71 -9.86 -9.02
N ASP B 253 -1.59 -11.19 -9.14
CA ASP B 253 -2.60 -12.06 -9.74
C ASP B 253 -4.01 -11.82 -9.17
N MET B 254 -4.04 -11.38 -7.91
CA MET B 254 -5.28 -11.21 -7.16
C MET B 254 -6.06 -9.99 -7.67
N GLU B 262 -14.34 -11.71 -7.80
CA GLU B 262 -15.69 -11.81 -7.25
C GLU B 262 -15.74 -11.32 -5.80
N GLY B 263 -14.84 -11.85 -4.98
CA GLY B 263 -14.75 -11.49 -3.57
C GLY B 263 -14.82 -12.73 -2.69
N GLY B 264 -15.16 -12.53 -1.42
CA GLY B 264 -15.49 -13.64 -0.52
C GLY B 264 -14.40 -14.68 -0.31
N PHE B 265 -13.22 -14.22 0.10
CA PHE B 265 -12.11 -15.12 0.45
C PHE B 265 -11.23 -14.55 1.57
N ILE B 266 -10.64 -15.44 2.36
CA ILE B 266 -9.59 -15.10 3.35
C ILE B 266 -8.25 -14.88 2.64
N TRP B 267 -7.41 -13.98 3.16
CA TRP B 267 -6.14 -13.73 2.48
C TRP B 267 -4.97 -13.32 3.38
N ALA B 268 -4.09 -14.26 3.69
CA ALA B 268 -2.84 -14.01 4.43
C ALA B 268 -1.83 -13.15 3.63
N CYS B 269 -1.09 -12.25 4.28
CA CYS B 269 -0.38 -11.22 3.51
C CYS B 269 1.11 -10.97 3.77
N SER B 287 -15.98 3.39 3.14
CA SER B 287 -15.95 4.09 4.45
C SER B 287 -15.04 3.41 5.49
N LEU B 288 -14.54 4.20 6.44
CA LEU B 288 -13.78 3.68 7.58
C LEU B 288 -14.67 2.99 8.63
N GLY B 289 -15.83 3.58 8.92
CA GLY B 289 -16.77 3.00 9.88
C GLY B 289 -17.43 1.72 9.41
N MET B 290 -16.90 1.16 8.32
CA MET B 290 -17.41 -0.08 7.75
C MET B 290 -16.33 -1.14 7.83
N MET B 291 -15.26 -0.82 8.56
CA MET B 291 -14.12 -1.69 8.72
C MET B 291 -14.10 -2.37 10.10
N THR B 292 -13.81 -3.66 10.13
CA THR B 292 -13.85 -4.43 11.38
C THR B 292 -12.64 -5.30 11.57
N SER B 293 -11.91 -5.04 12.65
CA SER B 293 -10.71 -5.79 12.93
C SER B 293 -10.89 -6.78 14.09
N VAL B 294 -10.35 -7.98 13.90
CA VAL B 294 -10.49 -9.07 14.86
C VAL B 294 -9.15 -9.73 15.11
N LEU B 295 -8.77 -9.87 16.38
CA LEU B 295 -7.54 -10.57 16.69
C LEU B 295 -7.80 -12.02 17.04
N VAL B 296 -7.38 -12.96 16.19
CA VAL B 296 -7.53 -14.40 16.48
C VAL B 296 -6.23 -14.95 17.03
N CYS B 297 -6.30 -15.48 18.25
CA CYS B 297 -5.13 -15.99 18.97
C CYS B 297 -4.73 -17.38 18.49
N PRO B 298 -3.53 -17.87 18.91
CA PRO B 298 -3.04 -19.19 18.47
C PRO B 298 -4.07 -20.30 18.70
N ASP B 299 -4.52 -20.45 19.96
CA ASP B 299 -5.46 -21.49 20.44
C ASP B 299 -6.83 -21.61 19.75
N GLY B 300 -7.19 -20.61 18.93
CA GLY B 300 -8.46 -20.60 18.18
C GLY B 300 -9.68 -20.49 19.06
N LYS B 301 -9.42 -20.36 20.36
CA LYS B 301 -10.45 -20.19 21.37
C LYS B 301 -10.57 -18.71 21.74
N THR B 302 -9.44 -18.02 21.80
CA THR B 302 -9.43 -16.65 22.27
C THR B 302 -9.56 -15.67 21.11
N VAL B 303 -10.55 -14.78 21.19
CA VAL B 303 -10.82 -13.82 20.14
C VAL B 303 -11.10 -12.49 20.77
N GLU B 304 -10.68 -11.43 20.08
CA GLU B 304 -10.88 -10.06 20.52
C GLU B 304 -11.23 -9.19 19.32
N ALA B 305 -12.39 -8.57 19.37
CA ALA B 305 -12.92 -7.91 18.20
C ALA B 305 -12.92 -6.43 18.43
N GLU B 306 -12.97 -5.66 17.34
CA GLU B 306 -12.77 -4.21 17.41
C GLU B 306 -13.17 -3.47 16.14
N ALA B 307 -13.53 -2.20 16.28
CA ALA B 307 -13.74 -1.32 15.13
C ALA B 307 -12.37 -1.00 14.57
N ALA B 308 -12.23 -0.96 13.25
CA ALA B 308 -10.91 -0.72 12.65
C ALA B 308 -10.63 0.76 12.42
N HIS B 309 -11.53 1.62 12.86
CA HIS B 309 -11.25 3.04 12.82
C HIS B 309 -10.77 3.55 14.15
N GLY B 310 -10.71 4.87 14.29
CA GLY B 310 -10.24 5.52 15.52
C GLY B 310 -11.34 6.10 16.39
N THR B 311 -10.96 7.03 17.28
CA THR B 311 -11.90 7.64 18.23
C THR B 311 -12.72 8.76 17.58
N VAL B 312 -12.49 9.03 16.29
CA VAL B 312 -13.23 10.04 15.55
C VAL B 312 -13.23 11.34 16.31
N THR B 313 -12.05 11.86 16.61
CA THR B 313 -11.95 13.09 17.39
C THR B 313 -12.77 14.22 16.77
N ARG B 314 -12.65 14.38 15.46
CA ARG B 314 -13.21 15.52 14.73
C ARG B 314 -14.69 15.63 15.00
N HIS B 315 -15.36 14.48 15.07
CA HIS B 315 -16.80 14.42 15.27
C HIS B 315 -17.19 14.73 16.68
N TYR B 316 -16.40 14.19 17.58
CA TYR B 316 -16.64 14.34 18.98
C TYR B 316 -16.53 15.79 19.32
N ARG B 317 -15.53 16.46 18.75
CA ARG B 317 -15.31 17.88 19.02
C ARG B 317 -16.57 18.71 18.74
N MET B 318 -17.31 18.34 17.70
CA MET B 318 -18.56 19.00 17.35
C MET B 318 -19.63 18.69 18.35
N TYR B 319 -19.62 17.45 18.82
CA TYR B 319 -20.57 17.00 19.81
C TYR B 319 -20.46 17.94 21.01
N GLN B 320 -19.22 18.21 21.43
CA GLN B 320 -18.95 19.10 22.56
C GLN B 320 -19.45 20.52 22.32
N LYS B 321 -19.54 20.90 21.04
CA LYS B 321 -20.05 22.21 20.66
C LYS B 321 -21.59 22.20 20.56
N GLY B 322 -22.17 21.00 20.62
CA GLY B 322 -23.61 20.84 20.60
C GLY B 322 -24.15 20.74 19.19
N GLN B 323 -23.25 20.44 18.26
CA GLN B 323 -23.59 20.34 16.83
C GLN B 323 -23.99 18.92 16.47
N GLU B 324 -25.02 18.83 15.64
CA GLU B 324 -25.46 17.55 15.09
C GLU B 324 -24.30 16.78 14.46
N THR B 325 -24.23 15.47 14.74
CA THR B 325 -23.24 14.55 14.11
C THR B 325 -23.91 13.35 13.42
N SER B 326 -23.08 12.56 12.77
CA SER B 326 -23.52 11.42 11.98
C SER B 326 -22.35 10.46 11.91
N THR B 327 -22.20 9.69 12.96
CA THR B 327 -21.07 8.81 13.10
C THR B 327 -21.49 7.37 12.87
N ASN B 328 -20.70 6.67 12.06
CA ASN B 328 -21.03 5.32 11.65
C ASN B 328 -20.86 4.27 12.75
N PRO B 329 -21.97 3.78 13.30
CA PRO B 329 -21.81 2.87 14.40
C PRO B 329 -21.46 1.45 13.97
N ILE B 330 -21.53 1.20 12.65
CA ILE B 330 -21.42 -0.17 12.11
C ILE B 330 -20.23 -0.96 12.61
N ALA B 331 -19.05 -0.39 12.41
CA ALA B 331 -17.81 -1.05 12.73
C ALA B 331 -17.81 -1.49 14.17
N SER B 332 -18.35 -0.61 15.03
CA SER B 332 -18.49 -0.86 16.46
C SER B 332 -19.50 -1.95 16.74
N ILE B 333 -20.68 -1.86 16.14
CA ILE B 333 -21.72 -2.88 16.32
C ILE B 333 -21.18 -4.24 15.91
N PHE B 334 -20.49 -4.27 14.77
CA PHE B 334 -19.96 -5.53 14.28
C PHE B 334 -18.95 -6.18 15.22
N ALA B 335 -18.03 -5.38 15.76
CA ALA B 335 -17.13 -5.88 16.80
C ALA B 335 -17.87 -6.63 17.91
N TRP B 336 -19.01 -6.11 18.33
CA TRP B 336 -19.83 -6.78 19.35
C TRP B 336 -20.31 -8.11 18.90
N THR B 337 -20.96 -8.11 17.75
CA THR B 337 -21.56 -9.33 17.18
C THR B 337 -20.52 -10.40 16.91
N ARG B 338 -19.38 -9.99 16.34
CA ARG B 338 -18.27 -10.89 16.03
C ARG B 338 -17.84 -11.62 17.31
N GLY B 339 -17.74 -10.88 18.41
CA GLY B 339 -17.40 -11.46 19.72
C GLY B 339 -18.50 -12.27 20.37
N LEU B 340 -19.74 -11.79 20.25
CA LEU B 340 -20.95 -12.46 20.75
C LEU B 340 -21.27 -13.80 20.07
N ALA B 341 -21.00 -13.85 18.76
CA ALA B 341 -21.06 -15.10 17.99
C ALA B 341 -19.90 -16.01 18.36
N HIS B 342 -18.77 -15.42 18.77
CA HIS B 342 -17.69 -16.24 19.24
C HIS B 342 -17.94 -16.77 20.61
N ARG B 343 -18.58 -15.94 21.44
CA ARG B 343 -19.08 -16.40 22.73
C ARG B 343 -19.95 -17.65 22.52
N ALA B 344 -20.92 -17.52 21.61
CA ALA B 344 -21.82 -18.58 21.23
C ALA B 344 -21.09 -19.87 20.81
N LYS B 345 -20.26 -19.77 19.79
CA LYS B 345 -19.52 -20.92 19.27
C LYS B 345 -18.85 -21.69 20.42
N LEU B 346 -18.16 -20.98 21.32
CA LEU B 346 -17.49 -21.60 22.46
C LEU B 346 -18.41 -22.24 23.48
N ASP B 347 -19.67 -21.80 23.52
CA ASP B 347 -20.60 -22.24 24.53
C ASP B 347 -21.65 -23.13 23.94
N ASN B 348 -21.72 -23.18 22.61
CA ASN B 348 -22.84 -23.81 21.90
C ASN B 348 -24.22 -23.22 22.27
N ASN B 349 -24.25 -21.92 22.52
CA ASN B 349 -25.50 -21.21 22.77
C ASN B 349 -26.22 -20.88 21.45
N LYS B 350 -27.34 -21.55 21.22
CA LYS B 350 -28.10 -21.41 19.97
C LYS B 350 -28.79 -20.04 19.90
N GLU B 351 -29.54 -19.69 20.95
CA GLU B 351 -30.33 -18.45 21.02
C GLU B 351 -29.50 -17.22 20.68
N LEU B 352 -28.36 -17.10 21.37
CA LEU B 352 -27.46 -15.96 21.21
C LEU B 352 -26.85 -15.94 19.83
N ALA B 353 -26.37 -17.12 19.41
CA ALA B 353 -25.70 -17.30 18.12
C ALA B 353 -26.55 -16.77 16.98
N PHE B 354 -27.86 -16.94 17.13
CA PHE B 354 -28.86 -16.41 16.21
C PHE B 354 -29.00 -14.89 16.35
N PHE B 355 -28.87 -14.41 17.58
CA PHE B 355 -28.97 -13.00 17.89
C PHE B 355 -27.85 -12.18 17.26
N ALA B 356 -26.59 -12.58 17.50
CA ALA B 356 -25.46 -11.91 16.89
C ALA B 356 -25.66 -11.79 15.39
N ASN B 357 -26.09 -12.88 14.75
CA ASN B 357 -26.36 -12.85 13.33
C ASN B 357 -27.48 -11.88 13.06
N ALA B 358 -28.57 -12.02 13.82
CA ALA B 358 -29.74 -11.14 13.70
C ALA B 358 -29.36 -9.64 13.65
N LEU B 359 -28.55 -9.24 14.62
CA LEU B 359 -27.99 -7.90 14.68
C LEU B 359 -27.13 -7.53 13.46
N GLU B 360 -26.18 -8.38 13.06
CA GLU B 360 -25.43 -8.14 11.83
C GLU B 360 -26.36 -7.97 10.60
N GLU B 361 -27.49 -8.67 10.61
CA GLU B 361 -28.41 -8.62 9.48
C GLU B 361 -29.11 -7.28 9.39
N VAL B 362 -29.76 -6.92 10.49
CA VAL B 362 -30.49 -5.66 10.58
C VAL B 362 -29.65 -4.50 10.11
N SER B 363 -28.38 -4.48 10.49
CA SER B 363 -27.51 -3.35 10.22
C SER B 363 -27.25 -3.12 8.74
N ILE B 364 -27.23 -4.21 7.97
CA ILE B 364 -27.05 -4.07 6.54
C ILE B 364 -28.40 -3.68 5.95
N GLU B 365 -29.43 -4.48 6.26
CA GLU B 365 -30.80 -4.22 5.80
C GLU B 365 -31.23 -2.78 6.01
N THR B 366 -30.72 -2.16 7.07
CA THR B 366 -31.15 -0.83 7.46
C THR B 366 -30.55 0.20 6.53
N ILE B 367 -29.29 -0.04 6.16
CA ILE B 367 -28.59 0.80 5.21
C ILE B 367 -29.11 0.53 3.81
N GLU B 368 -29.38 -0.74 3.55
CA GLU B 368 -29.93 -1.18 2.29
C GLU B 368 -31.33 -0.61 2.06
N ALA B 369 -32.19 -0.60 3.08
CA ALA B 369 -33.50 0.07 2.93
C ALA B 369 -33.36 1.60 2.72
N GLY B 370 -32.12 2.10 2.69
CA GLY B 370 -31.82 3.53 2.48
C GLY B 370 -31.29 4.29 3.69
N PHE B 371 -31.75 3.94 4.87
CA PHE B 371 -31.45 4.67 6.10
C PHE B 371 -30.03 4.44 6.54
N MET B 372 -29.27 5.53 6.65
CA MET B 372 -27.82 5.44 6.82
C MET B 372 -27.20 6.74 7.34
N THR B 373 -25.92 6.69 7.72
CA THR B 373 -25.21 7.90 8.17
C THR B 373 -24.53 8.63 7.00
N LYS B 374 -24.01 9.83 7.30
CA LYS B 374 -23.58 10.78 6.28
C LYS B 374 -22.30 10.41 5.52
N ASP B 375 -21.39 9.71 6.17
CA ASP B 375 -20.20 9.27 5.47
C ASP B 375 -20.60 8.35 4.35
N LEU B 376 -21.64 7.54 4.61
CA LEU B 376 -22.20 6.62 3.63
C LEU B 376 -22.98 7.40 2.57
N ALA B 377 -23.74 8.39 3.02
CA ALA B 377 -24.42 9.30 2.12
C ALA B 377 -23.51 9.97 1.09
N ALA B 378 -22.23 10.12 1.42
CA ALA B 378 -21.29 10.75 0.50
C ALA B 378 -20.69 9.75 -0.49
N CYS B 379 -20.51 8.51 -0.07
CA CYS B 379 -20.15 7.44 -1.01
C CYS B 379 -21.16 7.33 -2.15
N ILE B 380 -22.45 7.29 -1.81
CA ILE B 380 -23.52 7.39 -2.79
C ILE B 380 -23.45 8.76 -3.46
N LYS B 381 -23.95 9.80 -2.80
CA LYS B 381 -24.15 11.09 -3.47
C LYS B 381 -22.88 11.77 -3.87
N GLY B 382 -21.79 11.51 -3.16
CA GLY B 382 -20.58 12.34 -3.31
C GLY B 382 -20.70 13.58 -2.43
N LEU B 383 -19.67 13.86 -1.63
CA LEU B 383 -19.76 14.84 -0.53
C LEU B 383 -20.55 16.09 -0.89
N PRO B 384 -20.03 16.90 -1.85
CA PRO B 384 -20.60 18.21 -2.16
C PRO B 384 -22.12 18.28 -2.29
N ASN B 385 -22.76 17.29 -2.91
CA ASN B 385 -24.21 17.33 -3.10
C ASN B 385 -24.96 16.31 -2.26
N VAL B 386 -24.86 16.44 -0.93
CA VAL B 386 -25.67 15.65 0.01
C VAL B 386 -26.66 16.57 0.70
N GLN B 387 -27.94 16.21 0.67
CA GLN B 387 -28.95 16.93 1.45
C GLN B 387 -29.04 16.28 2.82
N ARG B 388 -29.44 17.06 3.81
CA ARG B 388 -29.59 16.54 5.16
C ARG B 388 -30.52 15.34 5.11
N SER B 389 -31.55 15.44 4.28
CA SER B 389 -32.57 14.40 4.18
C SER B 389 -32.07 13.10 3.54
N ASP B 390 -30.78 13.03 3.20
CA ASP B 390 -30.19 11.80 2.67
C ASP B 390 -29.62 10.84 3.73
N TYR B 391 -29.51 11.30 4.96
CA TYR B 391 -28.99 10.47 6.03
C TYR B 391 -29.64 10.80 7.36
N LEU B 392 -29.30 10.02 8.38
CA LEU B 392 -29.76 10.26 9.73
C LEU B 392 -28.54 10.68 10.55
N ASN B 393 -28.71 11.48 11.61
CA ASN B 393 -27.60 11.79 12.52
C ASN B 393 -27.23 10.55 13.32
N THR B 394 -26.23 10.64 14.19
CA THR B 394 -25.81 9.44 14.93
C THR B 394 -26.94 8.76 15.71
N PHE B 395 -27.74 9.57 16.40
CA PHE B 395 -28.77 9.09 17.33
C PHE B 395 -29.99 8.56 16.63
N GLU B 396 -30.35 9.21 15.53
CA GLU B 396 -31.48 8.76 14.71
C GLU B 396 -31.12 7.45 14.07
N PHE B 397 -29.90 7.33 13.55
CA PHE B 397 -29.48 6.06 12.99
C PHE B 397 -29.67 4.97 14.02
N MET B 398 -29.07 5.16 15.20
CA MET B 398 -29.20 4.18 16.27
C MET B 398 -30.64 3.88 16.58
N ASP B 399 -31.46 4.93 16.59
CA ASP B 399 -32.89 4.75 16.82
C ASP B 399 -33.49 3.80 15.80
N LYS B 400 -33.11 4.00 14.54
CA LYS B 400 -33.60 3.16 13.46
C LYS B 400 -33.20 1.69 13.60
N LEU B 401 -31.97 1.42 14.03
CA LEU B 401 -31.55 0.04 14.19
C LEU B 401 -32.40 -0.65 15.24
N GLY B 402 -32.31 -0.17 16.48
CA GLY B 402 -33.10 -0.69 17.59
C GLY B 402 -34.53 -0.96 17.16
N GLU B 403 -35.10 -0.06 16.35
CA GLU B 403 -36.45 -0.22 15.85
C GLU B 403 -36.61 -1.42 14.95
N ASN B 404 -35.75 -1.50 13.95
CA ASN B 404 -35.76 -2.61 13.02
C ASN B 404 -35.38 -3.90 13.72
N LEU B 405 -34.49 -3.79 14.70
CA LEU B 405 -34.11 -4.94 15.50
C LEU B 405 -35.27 -5.40 16.37
N LYS B 406 -35.99 -4.45 16.95
CA LYS B 406 -37.13 -4.81 17.80
C LYS B 406 -38.02 -5.72 16.96
N ILE B 407 -38.21 -5.31 15.72
CA ILE B 407 -39.18 -5.90 14.80
C ILE B 407 -38.70 -7.25 14.23
N LYS B 408 -37.45 -7.29 13.79
CA LYS B 408 -36.83 -8.50 13.24
C LYS B 408 -36.75 -9.61 14.29
N LEU B 409 -36.43 -9.23 15.52
CA LEU B 409 -36.43 -10.18 16.59
C LEU B 409 -37.84 -10.61 16.98
N ALA B 410 -38.83 -9.73 16.78
CA ALA B 410 -40.26 -10.06 17.03
C ALA B 410 -40.87 -11.16 16.11
N GLN B 411 -40.33 -11.34 14.91
CA GLN B 411 -40.72 -12.46 14.04
C GLN B 411 -39.65 -13.55 14.03
PA NDP C . 0.73 -5.06 -19.42
O1A NDP C . 1.51 -5.17 -18.13
O2A NDP C . 1.06 -4.00 -20.44
O5B NDP C . -0.81 -4.81 -19.07
C5B NDP C . -1.51 -5.72 -18.26
C4B NDP C . -2.95 -5.70 -18.71
O4B NDP C . -3.57 -4.48 -18.30
C3B NDP C . -3.10 -5.74 -20.22
O3B NDP C . -3.22 -7.09 -20.69
C2B NDP C . -4.39 -5.01 -20.44
O2B NDP C . -5.41 -5.93 -20.04
C1B NDP C . -4.32 -3.91 -19.39
N9A NDP C . -3.65 -2.68 -19.94
C8A NDP C . -2.39 -2.26 -19.68
N7A NDP C . -2.08 -1.11 -20.34
C5A NDP C . -3.17 -0.76 -21.06
C6A NDP C . -3.52 0.35 -21.99
N6A NDP C . -2.65 1.34 -22.28
N1A NDP C . -4.76 0.35 -22.53
C2A NDP C . -5.65 -0.62 -22.25
N3A NDP C . -5.39 -1.66 -21.42
C4A NDP C . -4.19 -1.80 -20.79
O3 NDP C . 0.79 -6.51 -20.14
PN NDP C . 1.87 -7.65 -19.79
O1N NDP C . 2.30 -7.62 -18.32
O2N NDP C . 1.30 -8.91 -20.40
O5D NDP C . 3.14 -7.23 -20.69
C5D NDP C . 3.86 -8.15 -21.51
C4D NDP C . 5.37 -7.87 -21.53
O4D NDP C . 5.63 -6.47 -21.34
C3D NDP C . 6.13 -8.61 -20.44
O3D NDP C . 6.91 -9.67 -20.99
C2D NDP C . 7.00 -7.56 -19.75
O2D NDP C . 8.39 -7.90 -19.75
C1D NDP C . 6.83 -6.30 -20.58
N1N NDP C . 6.76 -5.11 -19.71
C2N NDP C . 7.56 -4.07 -20.00
C3N NDP C . 7.57 -2.89 -19.24
C7N NDP C . 8.48 -1.77 -19.64
O7N NDP C . 8.49 -0.74 -18.98
N7N NDP C . 9.27 -1.89 -20.69
C4N NDP C . 6.66 -2.76 -18.03
C5N NDP C . 5.85 -3.95 -17.81
C6N NDP C . 5.93 -5.07 -18.65
P2B NDP C . -6.93 -6.01 -20.56
O1X NDP C . -7.64 -6.24 -19.24
O2X NDP C . -7.25 -4.70 -21.24
O3X NDP C . -6.95 -7.17 -21.54
S SO4 D . -12.22 -6.73 -25.46
O1 SO4 D . -13.15 -5.69 -25.96
O2 SO4 D . -12.57 -8.02 -26.09
O3 SO4 D . -10.84 -6.37 -25.82
O4 SO4 D . -12.32 -6.83 -23.98
S SO4 E . 12.83 -20.16 19.60
O1 SO4 E . 11.83 -20.22 20.69
O2 SO4 E . 14.08 -19.54 20.12
O3 SO4 E . 13.10 -21.52 19.10
O4 SO4 E . 12.31 -19.33 18.49
C1 1BZ F . 10.33 -4.92 -15.10
C2 1BZ F . 10.27 -3.53 -14.94
N1 1BZ F . 11.38 -2.86 -14.45
C3 1BZ F . 12.53 -3.57 -14.13
C4 1BZ F . 12.56 -4.96 -14.30
C5 1BZ F . 11.45 -5.63 -14.79
O1 1BZ F . 13.53 -3.00 -13.71
C6 1BZ F . 9.00 -2.80 -15.27
C7 1BZ F . 5.95 -4.40 -12.67
C8 1BZ F . 6.81 -3.40 -12.21
C9 1BZ F . 7.80 -2.88 -13.05
C10 1BZ F . 7.94 -3.34 -14.36
C11 1BZ F . 7.07 -4.35 -14.81
C12 1BZ F . 6.08 -4.87 -13.97
C13 1BZ F . 11.46 -7.11 -14.97
O2 1BZ F . 11.34 -1.56 -14.28
PA NDP G . -10.36 8.16 13.00
O1A NDP G . -9.26 7.17 12.73
O2A NDP G . -11.41 7.84 14.00
O5B NDP G . -11.07 8.48 11.61
C5B NDP G . -10.65 9.67 10.97
C4B NDP G . -11.76 10.17 10.06
O4B NDP G . -12.38 9.10 9.34
C3B NDP G . -12.91 10.82 10.81
O3B NDP G . -12.64 12.19 11.17
C2B NDP G . -14.08 10.66 9.84
O2B NDP G . -13.97 11.48 8.68
C1B NDP G . -13.82 9.25 9.35
N9A NDP G . -14.43 8.21 10.25
C8A NDP G . -13.75 7.26 10.91
N7A NDP G . -14.58 6.46 11.61
C5A NDP G . -15.83 6.90 11.40
C6A NDP G . -17.16 6.48 11.85
N6A NDP G . -17.29 5.42 12.68
N1A NDP G . -18.21 7.19 11.40
C2A NDP G . -18.05 8.24 10.58
N3A NDP G . -16.86 8.68 10.12
C4A NDP G . -15.73 8.04 10.49
O3 NDP G . -9.78 9.64 13.25
PN NDP G . -8.41 9.87 14.06
O1N NDP G . -7.36 8.90 13.56
O2N NDP G . -8.09 11.34 14.06
O5D NDP G . -8.85 9.49 15.56
C5D NDP G . -8.33 10.25 16.66
C4D NDP G . -7.74 9.34 17.74
O4D NDP G . -8.09 7.98 17.52
C3D NDP G . -6.21 9.41 17.81
O3D NDP G . -5.80 10.00 19.05
C2D NDP G . -5.72 7.97 17.69
O2D NDP G . -4.76 7.65 18.69
C1D NDP G . -6.98 7.14 17.89
N1N NDP G . -7.01 5.83 17.20
C2N NDP G . -7.46 4.79 17.94
C3N NDP G . -7.55 3.49 17.45
C7N NDP G . -8.06 2.42 18.40
O7N NDP G . -8.93 1.64 18.03
N7N NDP G . -7.56 2.35 19.64
C4N NDP G . -7.16 3.17 16.00
C5N NDP G . -6.70 4.38 15.29
C6N NDP G . -6.66 5.64 15.90
P2B NDP G . -14.18 13.07 8.71
O1X NDP G . -14.61 13.40 7.30
O2X NDP G . -15.26 13.25 9.75
O3X NDP G . -12.85 13.71 9.05
#